data_9AYL
#
_entry.id   9AYL
#
_cell.length_a   1.00
_cell.length_b   1.00
_cell.length_c   1.00
_cell.angle_alpha   90.00
_cell.angle_beta   90.00
_cell.angle_gamma   90.00
#
_symmetry.space_group_name_H-M   'P 1'
#
loop_
_entity.id
_entity.type
_entity.pdbx_description
1 polymer 'Voltage-dependent T-type calcium channel subunit alpha-1H'
2 non-polymer N-{1-[(5-cyanopyridin-2-yl)methyl]-1H-pyrazol-3-yl}-2-{4-[1-(trifluoromethyl)cyclopropyl]phenyl}acetamide
3 non-polymer 2-acetamido-2-deoxy-beta-D-glucopyranose
4 non-polymer 'CALCIUM ION'
5 non-polymer 1-O-OCTADECYL-SN-GLYCERO-3-PHOSPHOCHOLINE
6 non-polymer 'CHOLESTEROL HEMISUCCINATE'
7 non-polymer '[(2~{R})-3-[2-azanylethoxy(oxidanyl)phosphoryl]oxy-2-pentadecanoyloxy-propyl] pentadecanoate'
#
_entity_poly.entity_id   1
_entity_poly.type   'polypeptide(L)'
_entity_poly.pdbx_seq_one_letter_code
;MASWSHPQFEKGGGARGGSGGGSWSHPQFEKGFDYKDDDDKGTMTEGARAADEVRVPLGAPPPGPAALVGASPESPGAPG
REAERGSELGVSPSESPAAERGAELGADEEQRVPYPALAATVFFCLGQTTRPRSWCLRLVCNPWFEHVSMLVIMLNCVTL
GMFRPCEDVECGSERCNILEAFDAFIFAFFAVEMVIKMVALGLFGQKCYLGDTWNRLDFFIVVAGMMEYSLDGHNVSLSA
IRTVRVLRPLRAINRVPSMRILVTLLLDTLPMLGNVLLLCFFVFFIFGIVGVQLWAGLLRNRCFLDSAFVRNNNLTFLRP
YYQTEEGEENPFICSSRRDNGMQKCSHIPGRRELRMPCTLGWEAYTQPQAEGVGAARNACINWNQYYNVCRSGDSNPHNG
AINFDNIGYAWIAIFQVITLEGWVDIMYYVMDAHSFYNFIYFILLIIVGSFFMINLCLVVIATQFSETKQRESQLMREQR
ARHLSNDSTLASFSEPGSCYEELLKYVGHIFRKVKRRSLRLYARWQSRWRKKVDPGWMGRLWVTFSGKLRRIVDSKYFSR
GIMMAILVNTLSMGVEYHEQPEELTNALEISNIVFTSMFALEMLLKLLACGPLGYIRNPYNIFDGIIVVISVWEIVGQAD
GGLSVLRTFRLLRVLKLVRFLPALRRQLVVLVKTMDNVATFCTLLMLFIFIFSILGMHLFGCKFSLKTDTGDTVPDRKNF
DSLLWAIVTVFQILTQEDWNVVLYNGMASTSSWAALYFVALMTFGNYVLFNLLVAILVEGFQAEGDANRSDTDEDKTSVH
FEEDFHKLRELQTTELKMCSLAVTPNGHLEGRGSLSPPLIMCTAATPMPTPKSSPFLDAAPSLPDSRRGSSSSGDPPLGD
QKPPASLRSSPCAPWGPSGAWSSRRSSWSSLGRAPSLKRRGQCGERESLLSGEGKGSTDDEAEDGRAAPGPRATPLRRAE
SLDPRPLRPAALPPTKCRDRDGQVVALPSDFFLRIDSHREDAAELDDDSEDSCCLRLHKVLEPYKPQWCRSREAWALYLF
SPQNRFRVSCQKVITHKMFDHVVLVFIFLNCVTIALERPDIDPGSTERVFLSVSNYIFTAIFVAEMMVKVVALGLLSGEH
AYLQSSWNLLDGLLVLVSLVDIVVAMASAGGAKILGVLRVLRLLRTLRPLRVISRAPGLKLVVETLISSLRPIGNIVLIC
CAFFIIFGILGVQLFKGKFYYCEGPDTRNISTKAQCRAAHYRWVRRKYNFDNLGQALMSLFVLSSKDGWVNIMYDGLDAV
GVDQQPVQNHNPWMLLYFISFLLIVSFFVLNMFVGVVVENFHKCRQHQEAEEARRREEKRLRRLERRRRSTFPSPEAQRR
PYYADYSPTRRSIHSLCTSHYLDLFITFIICVNVITMSMEHYNQPKSLDEALKYCNYVFTIVFVFEAALKLVAFGFRRFF
KDRWNQLDLAIVLLSLMGITLEEIEMSAALPINPTIIRIMRVLRIARVLKLLKMATGMRALLDTVVQALPQVGNLGLLFM
LLFFIYAALGVELFGRLECSEDNPCEGLSRHATFSNFGMAFLTLFRVSTGDNWNGIMKDTLRECSREDKHCLSYLPALSP
VYFVTFVLVAQFVLVNVVVAVLMKHLEESNKEAREDAELDAEIELEMAQGPGSARRVDADRPPLPQESPGARDAPNLVAR
KVSVSRMLSLPNDSYMFRPVVPASAPHPRPLQEVEMETYGAGTPLGSVASVHSPPAESCASLQIPLAVSSPARSGEPLHA
LSPRGTARSPSLSRLLCRQEAVHTDSLEGKIDSPRDTLDPAEPGEKTPVRPVTQGGSLQSPPRSPRPASVRTRKHTFGQR
CVSSRPAAPGGEEAEASDPADEEVSHITSSACPWQPTAEPHGPEASPVAGGERDLRRLYSVDAQGFLDKPGRADEQWRPS
AELGSGEPGEAKAWGPEAEPALGARRKKKMSPPCISVEPPAEDEGSARPSAAEGGSTTLRRRTPSCEATPHRDSLEPTEG
SGAGGDPAAKGERWGQASCRAEHLTVPSFAFEPLDLGVPSGDPFLDGSHSVTPESRASSSGAIVPLEPPESEPPMPVGDP
PEKRRGLYLTVPQCPLEKPGSPSATPAPGGGADDPV
;
_entity_poly.pdbx_strand_id   A
#
loop_
_chem_comp.id
_chem_comp.type
_chem_comp.name
_chem_comp.formula
A1AHK non-polymer N-{1-[(5-cyanopyridin-2-yl)methyl]-1H-pyrazol-3-yl}-2-{4-[1-(trifluoromethyl)cyclopropyl]phenyl}acetamide 'C22 H18 F3 N5 O'
CA non-polymer 'CALCIUM ION' 'Ca 2'
JL3 non-polymer '[(2~{R})-3-[2-azanylethoxy(oxidanyl)phosphoryl]oxy-2-pentadecanoyloxy-propyl] pentadecanoate' 'C35 H70 N O8 P'
LPE non-polymer 1-O-OCTADECYL-SN-GLYCERO-3-PHOSPHOCHOLINE 'C26 H57 N O6 P 1'
NAG D-saccharide, beta linking 2-acetamido-2-deoxy-beta-D-glucopyranose 'C8 H15 N O6'
Y01 non-polymer 'CHOLESTEROL HEMISUCCINATE' 'C31 H50 O4'
#
# COMPACT_ATOMS: atom_id res chain seq x y z
N LEU A 139 -24.21 -47.14 4.51
CA LEU A 139 -23.04 -46.70 5.33
C LEU A 139 -22.25 -45.62 4.58
N VAL A 140 -21.37 -46.06 3.69
CA VAL A 140 -20.51 -45.15 2.95
C VAL A 140 -20.99 -44.90 1.53
N CYS A 141 -21.82 -45.79 0.98
CA CYS A 141 -22.30 -45.66 -0.40
C CYS A 141 -23.63 -44.92 -0.50
N ASN A 142 -23.95 -44.07 0.47
CA ASN A 142 -25.14 -43.25 0.43
C ASN A 142 -24.78 -41.81 0.74
N PRO A 143 -25.52 -40.84 0.17
CA PRO A 143 -25.13 -39.44 0.33
C PRO A 143 -25.51 -38.86 1.69
N TRP A 144 -26.53 -39.45 2.33
CA TRP A 144 -27.00 -38.89 3.59
C TRP A 144 -25.96 -39.00 4.69
N PHE A 145 -25.11 -40.04 4.64
CA PHE A 145 -24.04 -40.15 5.63
C PHE A 145 -23.09 -38.97 5.56
N GLU A 146 -22.73 -38.54 4.35
CA GLU A 146 -21.93 -37.33 4.21
C GLU A 146 -22.66 -36.11 4.74
N HIS A 147 -23.97 -36.03 4.51
CA HIS A 147 -24.74 -34.88 4.98
C HIS A 147 -24.73 -34.81 6.50
N VAL A 148 -24.78 -35.96 7.17
CA VAL A 148 -24.65 -35.98 8.62
C VAL A 148 -23.28 -35.48 9.04
N SER A 149 -22.24 -35.91 8.32
CA SER A 149 -20.89 -35.45 8.65
C SER A 149 -20.77 -33.94 8.51
N MET A 150 -21.37 -33.37 7.46
CA MET A 150 -21.33 -31.93 7.28
C MET A 150 -22.00 -31.21 8.43
N LEU A 151 -23.12 -31.74 8.94
CA LEU A 151 -23.79 -31.09 10.06
C LEU A 151 -22.88 -31.01 11.28
N VAL A 152 -22.20 -32.12 11.60
CA VAL A 152 -21.33 -32.13 12.77
C VAL A 152 -20.13 -31.24 12.57
N ILE A 153 -19.59 -31.19 11.35
CA ILE A 153 -18.48 -30.28 11.06
C ILE A 153 -18.91 -28.85 11.33
N MET A 154 -20.12 -28.48 10.91
CA MET A 154 -20.64 -27.15 11.20
C MET A 154 -20.88 -26.97 12.70
N LEU A 155 -21.22 -28.04 13.41
CA LEU A 155 -21.43 -27.94 14.85
C LEU A 155 -20.15 -27.58 15.58
N ASN A 156 -19.01 -28.15 15.14
CA ASN A 156 -17.73 -27.78 15.73
C ASN A 156 -17.43 -26.30 15.54
N CYS A 157 -17.68 -25.75 14.35
CA CYS A 157 -17.39 -24.35 14.10
C CYS A 157 -18.10 -23.46 15.10
N VAL A 158 -19.31 -23.83 15.53
CA VAL A 158 -20.05 -23.01 16.48
C VAL A 158 -19.38 -23.07 17.85
N THR A 159 -19.00 -24.27 18.31
CA THR A 159 -18.36 -24.39 19.61
C THR A 159 -16.99 -23.71 19.63
N LEU A 160 -16.23 -23.83 18.55
CA LEU A 160 -14.92 -23.18 18.49
C LEU A 160 -15.06 -21.67 18.62
N GLY A 161 -16.08 -21.09 17.97
CA GLY A 161 -16.30 -19.65 18.05
C GLY A 161 -16.77 -19.18 19.40
N MET A 162 -17.34 -20.07 20.23
CA MET A 162 -17.79 -19.70 21.56
C MET A 162 -16.64 -19.57 22.55
N PHE A 163 -15.42 -19.90 22.15
CA PHE A 163 -14.29 -19.82 23.06
C PHE A 163 -14.12 -18.40 23.59
N ARG A 164 -13.84 -18.30 24.88
CA ARG A 164 -13.53 -17.04 25.54
C ARG A 164 -12.13 -17.11 26.13
N PRO A 165 -11.13 -16.41 25.56
CA PRO A 165 -9.75 -16.66 25.96
C PRO A 165 -9.47 -16.52 27.45
N CYS A 166 -10.04 -15.52 28.13
CA CYS A 166 -9.77 -15.37 29.55
C CYS A 166 -11.00 -15.65 30.41
N GLU A 167 -11.95 -16.43 29.90
CA GLU A 167 -13.02 -16.99 30.71
C GLU A 167 -13.12 -18.50 30.58
N ASP A 168 -12.45 -19.11 29.59
CA ASP A 168 -12.53 -20.55 29.39
C ASP A 168 -11.21 -21.25 29.70
N VAL A 169 -10.09 -20.51 29.67
CA VAL A 169 -8.80 -21.13 29.91
C VAL A 169 -8.67 -21.68 31.32
N GLU A 170 -9.28 -21.02 32.31
CA GLU A 170 -9.23 -21.51 33.68
C GLU A 170 -10.17 -22.69 33.92
N CYS A 171 -11.06 -22.98 32.98
CA CYS A 171 -11.92 -24.17 33.03
C CYS A 171 -12.76 -24.23 34.29
N GLY A 172 -13.32 -23.10 34.72
CA GLY A 172 -14.10 -23.06 35.95
C GLY A 172 -15.60 -23.00 35.72
N SER A 173 -16.03 -22.25 34.72
CA SER A 173 -17.45 -22.02 34.49
C SER A 173 -18.14 -23.29 34.00
N GLU A 174 -19.43 -23.40 34.32
CA GLU A 174 -20.22 -24.53 33.83
C GLU A 174 -20.36 -24.46 32.31
N ARG A 175 -20.42 -23.25 31.76
CA ARG A 175 -20.52 -23.09 30.32
C ARG A 175 -19.36 -23.79 29.61
N CYS A 176 -18.15 -23.66 30.16
CA CYS A 176 -17.01 -24.35 29.59
C CYS A 176 -17.18 -25.86 29.70
N ASN A 177 -17.71 -26.34 30.82
CA ASN A 177 -17.84 -27.78 31.02
C ASN A 177 -18.72 -28.43 29.95
N ILE A 178 -19.85 -27.81 29.64
CA ILE A 178 -20.73 -28.37 28.61
C ILE A 178 -20.10 -28.24 27.23
N LEU A 179 -19.39 -27.15 26.95
CA LEU A 179 -18.74 -27.02 25.65
C LEU A 179 -17.70 -28.12 25.45
N GLU A 180 -16.90 -28.40 26.47
CA GLU A 180 -15.97 -29.53 26.36
C GLU A 180 -16.72 -30.85 26.25
N ALA A 181 -17.88 -30.95 26.89
CA ALA A 181 -18.72 -32.12 26.68
C ALA A 181 -19.21 -32.17 25.23
N PHE A 182 -19.58 -31.02 24.68
CA PHE A 182 -19.95 -30.97 23.27
C PHE A 182 -18.79 -31.42 22.39
N ASP A 183 -17.59 -30.92 22.68
CA ASP A 183 -16.42 -31.30 21.90
C ASP A 183 -16.14 -32.79 22.00
N ALA A 184 -16.23 -33.34 23.21
CA ALA A 184 -16.00 -34.77 23.38
C ALA A 184 -16.98 -35.59 22.56
N PHE A 185 -18.26 -35.19 22.56
CA PHE A 185 -19.25 -35.87 21.73
C PHE A 185 -18.84 -35.83 20.26
N ILE A 186 -18.49 -34.63 19.76
CA ILE A 186 -18.17 -34.50 18.35
C ILE A 186 -16.90 -35.29 18.01
N PHE A 187 -15.88 -35.21 18.86
CA PHE A 187 -14.67 -35.97 18.60
C PHE A 187 -14.94 -37.47 18.56
N ALA A 188 -15.91 -37.93 19.35
CA ALA A 188 -16.27 -39.35 19.30
C ALA A 188 -16.78 -39.73 17.92
N PHE A 189 -17.65 -38.91 17.33
CA PHE A 189 -18.18 -39.20 16.01
C PHE A 189 -17.05 -39.20 14.98
N PHE A 190 -16.23 -38.15 14.99
CA PHE A 190 -15.13 -38.07 14.03
C PHE A 190 -14.24 -39.30 14.11
N ALA A 191 -14.12 -39.90 15.30
CA ALA A 191 -13.42 -41.18 15.39
C ALA A 191 -14.24 -42.31 14.79
N VAL A 192 -15.54 -42.32 15.04
CA VAL A 192 -16.41 -43.34 14.47
C VAL A 192 -16.44 -43.22 12.95
N GLU A 193 -16.58 -41.99 12.44
CA GLU A 193 -16.64 -41.81 11.00
C GLU A 193 -15.42 -42.42 10.32
N MET A 194 -14.25 -42.24 10.92
CA MET A 194 -13.04 -42.85 10.36
C MET A 194 -13.14 -44.37 10.37
N VAL A 195 -13.58 -44.94 11.49
CA VAL A 195 -13.60 -46.40 11.63
C VAL A 195 -14.50 -47.02 10.56
N ILE A 196 -15.69 -46.45 10.37
CA ILE A 196 -16.60 -46.98 9.36
C ILE A 196 -15.98 -46.85 7.98
N LYS A 197 -15.41 -45.69 7.67
CA LYS A 197 -14.76 -45.50 6.37
C LYS A 197 -13.50 -46.33 6.24
N MET A 198 -12.75 -46.53 7.32
CA MET A 198 -11.57 -47.38 7.26
C MET A 198 -11.96 -48.83 7.02
N VAL A 199 -13.03 -49.29 7.68
CA VAL A 199 -13.50 -50.65 7.48
C VAL A 199 -14.03 -50.83 6.06
N ALA A 200 -14.69 -49.81 5.51
CA ALA A 200 -15.35 -49.94 4.23
C ALA A 200 -14.41 -49.79 3.04
N LEU A 201 -13.18 -49.30 3.26
CA LEU A 201 -12.26 -49.08 2.15
C LEU A 201 -10.89 -49.70 2.42
N GLY A 202 -10.49 -49.74 3.69
CA GLY A 202 -9.18 -50.24 4.03
C GLY A 202 -8.08 -49.26 3.65
N LEU A 203 -6.82 -49.64 3.84
CA LEU A 203 -5.70 -48.79 3.49
C LEU A 203 -5.52 -48.75 1.98
N ASP A 212 -5.28 -40.29 -1.71
CA ASP A 212 -6.29 -39.27 -1.48
C ASP A 212 -5.85 -38.30 -0.38
N THR A 213 -5.54 -37.06 -0.76
CA THR A 213 -5.03 -36.10 0.20
C THR A 213 -6.06 -35.82 1.30
N TRP A 214 -7.32 -35.62 0.91
CA TRP A 214 -8.35 -35.28 1.89
C TRP A 214 -8.57 -36.37 2.92
N ASN A 215 -8.53 -37.64 2.51
CA ASN A 215 -8.65 -38.72 3.48
C ASN A 215 -7.49 -38.71 4.47
N ARG A 216 -6.28 -38.43 3.97
CA ARG A 216 -5.13 -38.33 4.87
C ARG A 216 -5.32 -37.18 5.86
N LEU A 217 -5.85 -36.05 5.38
CA LEU A 217 -6.12 -34.93 6.28
C LEU A 217 -7.07 -35.35 7.39
N ASP A 218 -8.12 -36.10 7.04
CA ASP A 218 -9.05 -36.59 8.06
C ASP A 218 -8.33 -37.39 9.13
N PHE A 219 -7.37 -38.23 8.73
CA PHE A 219 -6.61 -39.01 9.71
C PHE A 219 -5.73 -38.11 10.57
N PHE A 220 -5.01 -37.18 9.94
CA PHE A 220 -4.08 -36.33 10.69
C PHE A 220 -4.82 -35.55 11.77
N ILE A 221 -6.01 -35.03 11.43
CA ILE A 221 -6.77 -34.22 12.39
C ILE A 221 -7.16 -35.07 13.60
N VAL A 222 -7.63 -36.30 13.36
CA VAL A 222 -8.05 -37.14 14.47
C VAL A 222 -6.86 -37.61 15.28
N VAL A 223 -5.76 -37.99 14.60
CA VAL A 223 -4.58 -38.46 15.32
C VAL A 223 -4.08 -37.39 16.27
N ALA A 224 -3.95 -36.16 15.78
CA ALA A 224 -3.57 -35.06 16.65
C ALA A 224 -4.64 -34.81 17.72
N GLY A 225 -5.92 -34.89 17.33
CA GLY A 225 -6.97 -34.75 18.31
C GLY A 225 -6.94 -35.83 19.36
N MET A 226 -6.66 -37.07 18.95
CA MET A 226 -6.54 -38.16 19.92
C MET A 226 -5.39 -37.90 20.89
N MET A 227 -4.26 -37.44 20.38
CA MET A 227 -3.12 -37.13 21.26
C MET A 227 -3.51 -36.10 22.30
N GLU A 228 -4.12 -34.98 21.87
CA GLU A 228 -4.57 -33.97 22.82
C GLU A 228 -5.66 -34.53 23.74
N TYR A 229 -6.60 -35.27 23.17
CA TYR A 229 -7.69 -35.81 23.98
C TYR A 229 -7.17 -36.78 25.03
N SER A 230 -6.26 -37.68 24.64
CA SER A 230 -5.71 -38.67 25.56
C SER A 230 -4.67 -38.08 26.51
N LEU A 231 -3.94 -37.06 26.07
CA LEU A 231 -2.89 -36.47 26.91
C LEU A 231 -3.44 -35.80 28.15
N ASP A 232 -4.75 -35.56 28.22
CA ASP A 232 -5.35 -34.95 29.41
C ASP A 232 -4.94 -35.71 30.66
N GLY A 233 -4.42 -34.96 31.63
CA GLY A 233 -3.89 -35.55 32.85
C GLY A 233 -2.51 -35.04 33.18
N HIS A 234 -1.73 -34.75 32.14
CA HIS A 234 -0.40 -34.16 32.30
C HIS A 234 -0.51 -32.65 32.12
N ASN A 235 -0.10 -31.91 33.14
CA ASN A 235 -0.26 -30.46 33.15
C ASN A 235 0.80 -29.73 32.34
N VAL A 236 1.80 -30.43 31.82
CA VAL A 236 2.89 -29.81 31.08
C VAL A 236 2.43 -29.51 29.66
N SER A 237 2.34 -28.22 29.33
CA SER A 237 2.05 -27.78 27.97
C SER A 237 0.69 -28.29 27.47
N LEU A 238 -0.23 -28.57 28.39
CA LEU A 238 -1.58 -28.97 27.97
C LEU A 238 -2.26 -27.86 27.20
N SER A 239 -2.17 -26.62 27.68
CA SER A 239 -2.81 -25.50 27.01
C SER A 239 -2.22 -25.29 25.62
N ALA A 240 -0.90 -25.44 25.47
CA ALA A 240 -0.28 -25.25 24.17
C ALA A 240 -0.65 -26.35 23.19
N ILE A 241 -1.25 -27.44 23.67
CA ILE A 241 -1.62 -28.53 22.79
C ILE A 241 -3.05 -28.41 22.28
N ARG A 242 -3.89 -27.61 22.94
CA ARG A 242 -5.27 -27.44 22.50
C ARG A 242 -5.38 -26.63 21.22
N THR A 243 -4.28 -26.03 20.76
CA THR A 243 -4.33 -25.22 19.54
C THR A 243 -4.53 -26.08 18.29
N VAL A 244 -4.39 -27.40 18.40
CA VAL A 244 -4.63 -28.28 17.27
C VAL A 244 -6.11 -28.39 16.93
N ARG A 245 -6.98 -27.87 17.78
CA ARG A 245 -8.41 -27.91 17.49
C ARG A 245 -8.80 -26.97 16.37
N VAL A 246 -7.92 -26.05 15.97
CA VAL A 246 -8.26 -25.07 14.94
C VAL A 246 -8.13 -25.64 13.54
N LEU A 247 -7.56 -26.83 13.38
CA LEU A 247 -7.51 -27.46 12.06
C LEU A 247 -8.83 -28.12 11.67
N ARG A 248 -9.75 -28.28 12.62
CA ARG A 248 -10.97 -29.04 12.35
C ARG A 248 -11.83 -28.43 11.24
N PRO A 249 -12.04 -27.12 11.18
CA PRO A 249 -12.87 -26.57 10.09
C PRO A 249 -12.35 -26.90 8.70
N LEU A 250 -11.08 -27.31 8.56
CA LEU A 250 -10.57 -27.71 7.25
C LEU A 250 -11.29 -28.94 6.72
N ARG A 251 -11.99 -29.68 7.57
CA ARG A 251 -12.75 -30.83 7.11
C ARG A 251 -13.94 -30.44 6.24
N ALA A 252 -14.38 -29.19 6.30
CA ALA A 252 -15.48 -28.75 5.45
C ALA A 252 -15.06 -28.58 4.00
N ILE A 253 -13.76 -28.53 3.73
CA ILE A 253 -13.30 -28.33 2.35
C ILE A 253 -13.69 -29.51 1.47
N ASN A 254 -13.48 -30.73 1.97
CA ASN A 254 -13.76 -31.91 1.18
C ASN A 254 -15.25 -32.20 1.08
N ARG A 255 -16.04 -31.76 2.06
CA ARG A 255 -17.48 -32.02 2.04
C ARG A 255 -18.18 -31.18 1.00
N VAL A 256 -17.71 -29.96 0.76
CA VAL A 256 -18.33 -29.06 -0.23
C VAL A 256 -17.66 -29.34 -1.57
N PRO A 257 -18.38 -29.81 -2.59
CA PRO A 257 -17.72 -30.13 -3.86
C PRO A 257 -17.03 -28.93 -4.50
N SER A 258 -17.73 -27.81 -4.64
CA SER A 258 -17.14 -26.67 -5.34
C SER A 258 -15.89 -26.17 -4.63
N MET A 259 -15.92 -26.11 -3.30
CA MET A 259 -14.75 -25.67 -2.55
C MET A 259 -13.64 -26.71 -2.58
N ARG A 260 -13.98 -27.97 -2.90
CA ARG A 260 -12.95 -28.99 -3.07
C ARG A 260 -12.22 -28.80 -4.39
N ILE A 261 -12.95 -28.51 -5.46
CA ILE A 261 -12.32 -28.34 -6.77
C ILE A 261 -11.42 -27.13 -6.76
N LEU A 262 -11.86 -26.03 -6.14
CA LEU A 262 -11.07 -24.81 -6.13
C LEU A 262 -9.74 -25.03 -5.41
N VAL A 263 -9.78 -25.68 -4.24
CA VAL A 263 -8.54 -25.90 -3.50
C VAL A 263 -7.60 -26.80 -4.28
N THR A 264 -8.14 -27.68 -5.12
CA THR A 264 -7.28 -28.51 -5.95
C THR A 264 -6.49 -27.67 -6.94
N LEU A 265 -7.14 -26.70 -7.58
CA LEU A 265 -6.43 -25.81 -8.51
C LEU A 265 -5.38 -24.99 -7.77
N LEU A 266 -5.69 -24.53 -6.56
CA LEU A 266 -4.75 -23.73 -5.79
C LEU A 266 -3.49 -24.51 -5.48
N LEU A 267 -3.64 -25.80 -5.15
CA LEU A 267 -2.48 -26.63 -4.83
C LEU A 267 -1.73 -27.03 -6.10
N ASP A 268 -2.43 -27.21 -7.21
CA ASP A 268 -1.78 -27.58 -8.46
C ASP A 268 -1.01 -26.41 -9.08
N THR A 269 -1.44 -25.18 -8.84
CA THR A 269 -0.73 -24.01 -9.33
C THR A 269 0.53 -23.69 -8.53
N LEU A 270 0.61 -24.15 -7.29
CA LEU A 270 1.74 -23.80 -6.43
C LEU A 270 3.07 -24.27 -7.02
N PRO A 271 3.21 -25.49 -7.53
CA PRO A 271 4.54 -25.94 -7.99
C PRO A 271 5.16 -25.03 -9.04
N MET A 272 4.35 -24.32 -9.83
CA MET A 272 4.91 -23.50 -10.90
C MET A 272 5.26 -22.10 -10.43
N LEU A 273 5.19 -21.83 -9.13
CA LEU A 273 5.69 -20.60 -8.54
C LEU A 273 7.11 -20.72 -8.01
N GLY A 274 7.78 -21.85 -8.27
CA GLY A 274 9.12 -22.03 -7.72
C GLY A 274 10.11 -20.99 -8.20
N ASN A 275 10.00 -20.58 -9.46
CA ASN A 275 10.90 -19.57 -9.99
C ASN A 275 10.72 -18.24 -9.27
N VAL A 276 9.48 -17.86 -8.97
CA VAL A 276 9.23 -16.63 -8.24
C VAL A 276 9.73 -16.76 -6.80
N LEU A 277 9.52 -17.93 -6.19
CA LEU A 277 10.01 -18.15 -4.83
C LEU A 277 11.54 -18.02 -4.78
N LEU A 278 12.23 -18.53 -5.80
CA LEU A 278 13.67 -18.38 -5.85
C LEU A 278 14.07 -16.91 -5.93
N LEU A 279 13.31 -16.11 -6.69
CA LEU A 279 13.56 -14.67 -6.73
C LEU A 279 13.34 -14.04 -5.36
N CYS A 280 12.33 -14.50 -4.63
CA CYS A 280 12.08 -13.96 -3.29
C CYS A 280 13.26 -14.22 -2.36
N PHE A 281 13.86 -15.41 -2.43
CA PHE A 281 15.03 -15.70 -1.60
C PHE A 281 16.18 -14.75 -1.91
N PHE A 282 16.42 -14.50 -3.19
CA PHE A 282 17.54 -13.62 -3.56
C PHE A 282 17.35 -12.23 -3.00
N VAL A 283 16.13 -11.68 -3.09
CA VAL A 283 15.87 -10.35 -2.55
C VAL A 283 16.06 -10.34 -1.04
N PHE A 284 15.43 -11.30 -0.34
CA PHE A 284 15.51 -11.32 1.11
C PHE A 284 16.94 -11.50 1.60
N PHE A 285 17.70 -12.40 0.98
CA PHE A 285 19.05 -12.67 1.46
C PHE A 285 20.02 -11.57 1.08
N ILE A 286 19.91 -11.03 -0.14
CA ILE A 286 20.82 -9.97 -0.56
C ILE A 286 20.62 -8.72 0.30
N PHE A 287 19.36 -8.32 0.50
CA PHE A 287 19.08 -7.18 1.35
C PHE A 287 19.20 -7.51 2.82
N GLY A 288 18.99 -8.77 3.20
CA GLY A 288 19.14 -9.15 4.60
C GLY A 288 20.58 -9.08 5.08
N ILE A 289 21.51 -9.54 4.25
CA ILE A 289 22.93 -9.48 4.61
C ILE A 289 23.44 -8.05 4.54
N VAL A 290 23.06 -7.31 3.51
CA VAL A 290 23.50 -5.93 3.39
C VAL A 290 22.99 -5.11 4.56
N GLY A 291 21.76 -5.39 5.01
CA GLY A 291 21.22 -4.67 6.14
C GLY A 291 21.97 -4.94 7.43
N VAL A 292 22.32 -6.20 7.67
CA VAL A 292 22.97 -6.56 8.93
C VAL A 292 24.38 -5.99 8.99
N GLN A 293 25.12 -6.06 7.88
CA GLN A 293 26.50 -5.58 7.91
C GLN A 293 26.57 -4.07 8.05
N LEU A 294 25.47 -3.36 7.77
CA LEU A 294 25.46 -1.91 7.85
C LEU A 294 24.96 -1.42 9.21
N TRP A 295 23.85 -1.97 9.69
CA TRP A 295 23.10 -1.37 10.80
C TRP A 295 22.98 -2.28 12.01
N ALA A 296 23.89 -3.22 12.17
CA ALA A 296 23.80 -4.15 13.30
C ALA A 296 24.15 -3.42 14.60
N GLY A 297 23.17 -3.32 15.50
CA GLY A 297 23.37 -2.72 16.80
C GLY A 297 23.30 -1.22 16.85
N LEU A 298 23.00 -0.54 15.74
CA LEU A 298 22.93 0.91 15.74
C LEU A 298 21.63 1.42 16.35
N LEU A 299 20.57 0.64 16.30
CA LEU A 299 19.30 1.10 16.84
C LEU A 299 19.22 0.96 18.34
N ARG A 300 20.25 0.46 19.01
CA ARG A 300 20.35 0.50 20.46
C ARG A 300 20.95 1.80 20.97
N ASN A 301 21.43 2.66 20.08
CA ASN A 301 22.11 3.88 20.50
C ASN A 301 21.16 4.78 21.28
N ARG A 302 21.68 5.36 22.36
CA ARG A 302 20.97 6.36 23.14
C ARG A 302 21.98 7.35 23.68
N CYS A 303 21.50 8.55 24.00
CA CYS A 303 22.34 9.58 24.60
C CYS A 303 22.40 9.34 26.11
N PHE A 304 23.58 9.01 26.60
CA PHE A 304 23.79 8.69 28.01
C PHE A 304 24.49 9.84 28.73
N LEU A 305 24.39 9.82 30.06
CA LEU A 305 25.18 10.71 30.88
C LEU A 305 26.62 10.21 30.96
N ASP A 306 27.55 11.14 31.17
CA ASP A 306 28.95 10.78 31.34
C ASP A 306 29.15 10.07 32.66
N SER A 307 29.94 9.00 32.65
CA SER A 307 30.20 8.25 33.88
C SER A 307 30.90 9.12 34.92
N ALA A 308 31.88 9.92 34.50
CA ALA A 308 32.54 10.83 35.43
C ALA A 308 31.58 11.88 35.97
N PHE A 309 30.69 12.41 35.11
CA PHE A 309 29.79 13.48 35.54
C PHE A 309 28.85 12.99 36.64
N VAL A 310 28.29 11.79 36.50
CA VAL A 310 27.36 11.29 37.50
C VAL A 310 28.08 10.95 38.79
N ARG A 311 29.33 10.50 38.70
CA ARG A 311 30.07 10.10 39.90
C ARG A 311 30.61 11.31 40.65
N ASN A 312 31.31 12.22 39.95
CA ASN A 312 31.92 13.35 40.63
C ASN A 312 30.87 14.26 41.26
N ASN A 313 29.74 14.47 40.59
CA ASN A 313 28.70 15.34 41.12
C ASN A 313 27.87 14.67 42.20
N ASN A 314 28.08 13.38 42.46
CA ASN A 314 27.43 12.69 43.58
C ASN A 314 25.91 12.82 43.51
N LEU A 315 25.38 12.74 42.29
CA LEU A 315 23.93 12.76 42.08
C LEU A 315 23.56 11.65 41.11
N THR A 316 22.57 10.84 41.48
CA THR A 316 22.09 9.75 40.64
C THR A 316 20.58 9.77 40.50
N PHE A 317 19.95 10.93 40.72
CA PHE A 317 18.51 11.03 40.54
C PHE A 317 18.10 11.09 39.07
N LEU A 318 19.01 11.46 38.18
CA LEU A 318 18.70 11.56 36.76
C LEU A 318 18.58 10.19 36.12
N ARG A 319 17.78 10.10 35.08
CA ARG A 319 17.67 8.86 34.33
C ARG A 319 18.92 8.64 33.50
N PRO A 320 19.34 7.39 33.30
CA PRO A 320 20.67 7.15 32.70
C PRO A 320 20.84 7.71 31.31
N TYR A 321 19.79 7.64 30.48
CA TYR A 321 19.86 8.12 29.10
C TYR A 321 18.61 8.92 28.77
N TYR A 322 18.76 9.84 27.81
CA TYR A 322 17.66 10.72 27.46
C TYR A 322 16.52 9.94 26.83
N GLN A 323 15.31 10.16 27.34
CA GLN A 323 14.11 9.59 26.75
C GLN A 323 13.00 10.61 26.85
N THR A 324 12.20 10.73 25.79
CA THR A 324 11.13 11.71 25.76
C THR A 324 10.14 11.45 26.88
N GLU A 325 9.34 12.48 27.18
CA GLU A 325 8.30 12.33 28.20
C GLU A 325 7.32 11.22 27.85
N GLU A 326 7.18 10.90 26.56
CA GLU A 326 6.31 9.81 26.15
C GLU A 326 6.80 8.48 26.70
N GLY A 327 8.11 8.24 26.68
CA GLY A 327 8.70 7.04 27.20
C GLY A 327 9.56 6.36 26.15
N GLU A 328 9.76 5.05 26.33
CA GLU A 328 10.59 4.29 25.43
C GLU A 328 9.91 4.01 24.10
N GLU A 329 8.64 4.36 23.96
CA GLU A 329 7.93 4.12 22.71
C GLU A 329 8.28 5.13 21.62
N ASN A 330 9.01 6.19 21.95
CA ASN A 330 9.52 7.16 20.97
C ASN A 330 10.99 7.38 21.26
N PRO A 331 11.82 6.34 21.08
CA PRO A 331 13.24 6.45 21.46
C PRO A 331 13.97 7.50 20.64
N PHE A 332 14.96 8.13 21.29
CA PHE A 332 15.80 9.14 20.66
C PHE A 332 17.10 8.46 20.25
N ILE A 333 17.14 7.95 19.03
CA ILE A 333 18.31 7.23 18.53
C ILE A 333 19.32 8.25 18.02
N CYS A 334 20.53 8.20 18.57
CA CYS A 334 21.58 9.14 18.25
C CYS A 334 22.58 8.51 17.28
N SER A 335 23.36 9.36 16.62
CA SER A 335 24.40 8.91 15.72
C SER A 335 25.74 8.87 16.45
N SER A 336 26.43 7.74 16.37
CA SER A 336 27.70 7.58 17.07
C SER A 336 28.74 8.55 16.51
N ARG A 337 29.89 8.58 17.17
CA ARG A 337 30.96 9.47 16.72
C ARG A 337 31.61 8.97 15.44
N ARG A 338 31.65 7.65 15.23
CA ARG A 338 32.24 7.07 14.04
C ARG A 338 31.25 6.93 12.90
N ASP A 339 30.09 7.59 12.99
CA ASP A 339 29.10 7.60 11.93
C ASP A 339 28.66 9.03 11.68
N ASN A 340 27.87 9.22 10.64
CA ASN A 340 27.40 10.53 10.22
C ASN A 340 25.87 10.53 10.09
N GLY A 341 25.21 9.99 11.12
CA GLY A 341 23.76 9.98 11.12
C GLY A 341 23.17 11.37 11.29
N MET A 342 21.88 11.48 11.02
CA MET A 342 21.22 12.77 11.01
C MET A 342 20.84 13.26 12.40
N GLN A 343 20.98 12.44 13.43
CA GLN A 343 20.58 12.80 14.79
C GLN A 343 21.76 12.67 15.72
N LYS A 344 22.16 13.78 16.33
CA LYS A 344 23.25 13.81 17.29
C LYS A 344 22.71 14.16 18.67
N CYS A 345 23.52 13.89 19.69
CA CYS A 345 23.12 14.23 21.04
C CYS A 345 23.10 15.73 21.29
N SER A 346 23.60 16.53 20.34
CA SER A 346 23.51 17.98 20.45
C SER A 346 22.18 18.53 19.95
N HIS A 347 21.29 17.67 19.43
CA HIS A 347 19.98 18.10 18.97
C HIS A 347 18.90 17.89 20.01
N ILE A 348 19.25 17.42 21.21
CA ILE A 348 18.25 17.19 22.25
C ILE A 348 17.65 18.53 22.68
N PRO A 349 16.33 18.68 22.71
CA PRO A 349 15.75 19.95 23.16
C PRO A 349 16.10 20.23 24.62
N GLY A 350 16.18 21.52 24.94
CA GLY A 350 16.47 21.94 26.29
C GLY A 350 15.29 21.75 27.23
N ARG A 351 15.56 21.95 28.51
CA ARG A 351 14.53 21.76 29.53
C ARG A 351 13.37 22.72 29.27
N ARG A 352 12.15 22.22 29.48
CA ARG A 352 10.94 23.02 29.30
C ARG A 352 10.05 22.90 30.52
N ILE A 381 18.78 22.59 36.45
CA ILE A 381 17.55 22.81 35.71
C ILE A 381 17.81 22.77 34.22
N ASN A 382 18.94 22.20 33.82
CA ASN A 382 19.33 22.08 32.42
C ASN A 382 19.92 20.70 32.15
N TRP A 383 19.28 19.64 32.65
CA TRP A 383 19.85 18.30 32.55
C TRP A 383 19.93 17.83 31.11
N ASN A 384 19.00 18.25 30.25
CA ASN A 384 18.95 17.73 28.89
C ASN A 384 20.24 18.02 28.12
N GLN A 385 21.01 19.01 28.57
CA GLN A 385 22.26 19.37 27.90
C GLN A 385 23.45 18.55 28.39
N TYR A 386 23.25 17.66 29.35
CA TYR A 386 24.31 16.79 29.84
C TYR A 386 24.20 15.37 29.32
N TYR A 387 23.18 15.06 28.52
CA TYR A 387 23.11 13.81 27.77
C TYR A 387 23.90 13.97 26.48
N ASN A 388 25.22 13.78 26.60
CA ASN A 388 26.16 14.17 25.56
C ASN A 388 27.13 13.04 25.20
N VAL A 389 26.72 11.79 25.43
CA VAL A 389 27.50 10.63 25.02
C VAL A 389 26.56 9.62 24.40
N CYS A 390 26.87 9.19 23.18
CA CYS A 390 26.01 8.27 22.43
C CYS A 390 26.67 6.89 22.42
N ARG A 391 25.99 5.91 23.03
CA ARG A 391 26.53 4.56 23.14
C ARG A 391 25.36 3.58 23.17
N SER A 392 25.68 2.30 22.97
CA SER A 392 24.66 1.28 22.85
C SER A 392 23.85 1.18 24.13
N GLY A 393 22.55 0.96 23.98
CA GLY A 393 21.63 0.74 25.07
C GLY A 393 21.36 -0.73 25.28
N ASP A 394 20.15 -1.04 25.75
CA ASP A 394 19.77 -2.41 26.06
C ASP A 394 18.66 -2.94 25.18
N SER A 395 17.88 -2.07 24.54
CA SER A 395 16.71 -2.50 23.77
C SER A 395 16.68 -1.80 22.43
N ASN A 396 16.03 -2.44 21.47
CA ASN A 396 15.77 -1.86 20.16
C ASN A 396 14.35 -1.29 20.13
N PRO A 397 14.01 -0.54 19.08
CA PRO A 397 12.67 0.05 19.02
C PRO A 397 11.57 -0.99 19.04
N HIS A 398 10.43 -0.59 19.61
CA HIS A 398 9.21 -1.42 19.63
C HIS A 398 9.43 -2.69 20.42
N ASN A 399 9.97 -2.54 21.63
CA ASN A 399 10.23 -3.68 22.52
C ASN A 399 11.09 -4.74 21.81
N GLY A 400 12.05 -4.27 21.02
CA GLY A 400 13.00 -5.16 20.38
C GLY A 400 12.54 -5.76 19.07
N ALA A 401 11.40 -5.32 18.52
CA ALA A 401 10.88 -5.94 17.32
C ALA A 401 11.62 -5.47 16.06
N ILE A 402 12.02 -4.21 16.02
CA ILE A 402 12.64 -3.62 14.83
C ILE A 402 14.13 -3.46 15.11
N ASN A 403 14.95 -4.16 14.35
CA ASN A 403 16.40 -4.06 14.46
C ASN A 403 17.02 -4.92 13.36
N PHE A 404 18.34 -4.83 13.24
CA PHE A 404 19.13 -5.58 12.27
C PHE A 404 20.28 -6.30 12.96
N ASP A 405 20.05 -6.83 14.17
CA ASP A 405 21.10 -7.48 14.91
C ASP A 405 21.44 -8.86 14.37
N ASN A 406 20.56 -9.46 13.57
CA ASN A 406 20.85 -10.75 12.97
C ASN A 406 19.90 -10.95 11.79
N ILE A 407 20.17 -12.00 11.01
CA ILE A 407 19.40 -12.24 9.79
C ILE A 407 17.93 -12.50 10.12
N GLY A 408 17.65 -13.07 11.29
CA GLY A 408 16.27 -13.34 11.64
C GLY A 408 15.46 -12.07 11.79
N TYR A 409 16.01 -11.08 12.49
CA TYR A 409 15.33 -9.80 12.65
C TYR A 409 15.38 -8.94 11.39
N ALA A 410 16.43 -9.07 10.57
CA ALA A 410 16.51 -8.28 9.36
C ALA A 410 15.45 -8.70 8.34
N TRP A 411 15.00 -9.96 8.41
CA TRP A 411 13.96 -10.42 7.50
C TRP A 411 12.59 -9.88 7.91
N ILE A 412 12.36 -9.71 9.21
CA ILE A 412 11.10 -9.13 9.66
C ILE A 412 11.01 -7.67 9.24
N ALA A 413 12.11 -6.93 9.32
CA ALA A 413 12.11 -5.55 8.84
C ALA A 413 11.96 -5.50 7.32
N ILE A 414 12.59 -6.44 6.60
CA ILE A 414 12.45 -6.47 5.16
C ILE A 414 11.04 -6.89 4.76
N PHE A 415 10.45 -7.83 5.50
CA PHE A 415 9.08 -8.24 5.19
C PHE A 415 8.10 -7.08 5.40
N GLN A 416 8.32 -6.29 6.45
CA GLN A 416 7.41 -5.18 6.73
C GLN A 416 7.54 -4.08 5.68
N VAL A 417 8.75 -3.85 5.19
CA VAL A 417 8.95 -2.85 4.14
C VAL A 417 8.26 -3.28 2.86
N ILE A 418 8.37 -4.56 2.50
CA ILE A 418 7.77 -5.05 1.27
C ILE A 418 6.27 -4.89 1.26
N THR A 419 5.62 -4.88 2.42
CA THR A 419 4.19 -4.65 2.51
C THR A 419 3.83 -3.17 2.50
N LEU A 420 4.81 -2.28 2.58
CA LEU A 420 4.58 -0.84 2.47
C LEU A 420 3.79 -0.30 3.66
N GLU A 421 3.88 -0.98 4.79
CA GLU A 421 3.21 -0.58 6.02
C GLU A 421 4.25 -0.20 7.06
N GLY A 422 4.31 1.08 7.40
CA GLY A 422 5.29 1.55 8.36
C GLY A 422 6.72 1.34 7.91
N TRP A 423 6.99 1.47 6.62
CA TRP A 423 8.34 1.29 6.10
C TRP A 423 9.18 2.56 6.21
N VAL A 424 8.56 3.74 6.18
CA VAL A 424 9.33 4.98 6.35
C VAL A 424 9.89 5.06 7.76
N ASP A 425 9.15 4.56 8.76
CA ASP A 425 9.64 4.61 10.13
C ASP A 425 10.92 3.82 10.29
N ILE A 426 11.01 2.65 9.64
CA ILE A 426 12.24 1.88 9.67
C ILE A 426 13.36 2.64 8.99
N MET A 427 13.05 3.33 7.88
CA MET A 427 14.06 4.12 7.20
C MET A 427 14.55 5.27 8.06
N TYR A 428 13.65 5.97 8.74
CA TYR A 428 14.05 7.13 9.52
C TYR A 428 14.96 6.73 10.67
N TYR A 429 14.79 5.52 11.21
CA TYR A 429 15.64 5.07 12.30
C TYR A 429 17.10 4.98 11.88
N VAL A 430 17.35 4.43 10.69
CA VAL A 430 18.73 4.27 10.24
C VAL A 430 19.29 5.56 9.64
N MET A 431 18.44 6.46 9.15
CA MET A 431 18.90 7.78 8.77
C MET A 431 19.43 8.54 9.97
N ASP A 432 18.73 8.43 11.11
CA ASP A 432 19.20 9.08 12.33
C ASP A 432 20.48 8.45 12.83
N ALA A 433 20.60 7.13 12.75
CA ALA A 433 21.71 6.43 13.38
C ALA A 433 22.93 6.25 12.49
N HIS A 434 22.72 6.02 11.18
CA HIS A 434 23.84 5.64 10.31
C HIS A 434 24.15 6.70 9.27
N SER A 435 23.18 7.12 8.45
CA SER A 435 23.50 8.01 7.34
C SER A 435 22.23 8.41 6.61
N PHE A 436 22.22 9.63 6.09
CA PHE A 436 21.05 10.12 5.35
C PHE A 436 20.87 9.38 4.04
N TYR A 437 21.96 8.90 3.44
CA TYR A 437 21.90 8.27 2.13
C TYR A 437 21.46 6.83 2.18
N ASN A 438 20.80 6.42 3.27
CA ASN A 438 20.23 5.09 3.37
C ASN A 438 18.90 4.96 2.65
N PHE A 439 18.32 6.07 2.17
CA PHE A 439 17.09 5.96 1.40
C PHE A 439 17.30 5.21 0.09
N ILE A 440 18.53 5.14 -0.40
CA ILE A 440 18.81 4.36 -1.60
C ILE A 440 18.52 2.89 -1.35
N TYR A 441 18.79 2.41 -0.13
CA TYR A 441 18.50 1.03 0.21
C TYR A 441 17.01 0.74 0.12
N PHE A 442 16.19 1.63 0.67
CA PHE A 442 14.75 1.38 0.75
C PHE A 442 14.02 1.75 -0.53
N ILE A 443 14.66 2.50 -1.43
CA ILE A 443 14.04 2.75 -2.73
C ILE A 443 14.22 1.54 -3.63
N LEU A 444 15.42 0.97 -3.68
CA LEU A 444 15.64 -0.22 -4.48
C LEU A 444 14.80 -1.39 -3.97
N LEU A 445 14.71 -1.55 -2.65
CA LEU A 445 13.92 -2.65 -2.10
C LEU A 445 12.45 -2.53 -2.48
N ILE A 446 11.89 -1.32 -2.47
CA ILE A 446 10.50 -1.14 -2.84
C ILE A 446 10.30 -1.35 -4.33
N ILE A 447 11.24 -0.87 -5.15
CA ILE A 447 11.13 -1.08 -6.60
C ILE A 447 11.33 -2.55 -6.94
N VAL A 448 12.40 -3.16 -6.40
CA VAL A 448 12.74 -4.52 -6.77
C VAL A 448 11.84 -5.51 -6.04
N GLY A 449 11.65 -5.31 -4.74
CA GLY A 449 10.96 -6.31 -3.94
C GLY A 449 9.46 -6.10 -3.91
N SER A 450 9.02 -4.88 -3.58
CA SER A 450 7.59 -4.63 -3.42
C SER A 450 6.87 -4.61 -4.77
N PHE A 451 7.45 -3.94 -5.76
CA PHE A 451 6.75 -3.76 -7.03
C PHE A 451 6.94 -4.96 -7.96
N PHE A 452 8.18 -5.23 -8.37
CA PHE A 452 8.40 -6.25 -9.39
C PHE A 452 8.19 -7.65 -8.85
N MET A 453 8.75 -7.97 -7.68
CA MET A 453 8.70 -9.34 -7.18
C MET A 453 7.30 -9.75 -6.76
N ILE A 454 6.48 -8.80 -6.29
CA ILE A 454 5.10 -9.13 -5.94
C ILE A 454 4.24 -9.21 -7.18
N ASN A 455 4.45 -8.31 -8.15
CA ASN A 455 3.66 -8.31 -9.37
C ASN A 455 4.07 -9.42 -10.34
N LEU A 456 5.25 -10.02 -10.16
CA LEU A 456 5.60 -11.19 -10.96
C LEU A 456 4.85 -12.42 -10.50
N CYS A 457 4.41 -12.47 -9.24
CA CYS A 457 3.52 -13.54 -8.81
C CYS A 457 2.21 -13.49 -9.59
N LEU A 458 1.68 -12.29 -9.81
CA LEU A 458 0.43 -12.16 -10.54
C LEU A 458 0.60 -12.50 -12.01
N VAL A 459 1.76 -12.17 -12.58
CA VAL A 459 1.99 -12.46 -13.99
C VAL A 459 2.14 -13.95 -14.23
N VAL A 460 2.85 -14.64 -13.33
CA VAL A 460 3.08 -16.06 -13.51
C VAL A 460 1.78 -16.85 -13.37
N ILE A 461 0.98 -16.53 -12.34
CA ILE A 461 -0.31 -17.19 -12.18
C ILE A 461 -1.22 -16.88 -13.36
N ALA A 462 -1.25 -15.62 -13.79
CA ALA A 462 -2.16 -15.22 -14.87
C ALA A 462 -1.92 -16.04 -16.13
N THR A 463 -0.66 -16.27 -16.48
CA THR A 463 -0.36 -17.10 -17.65
C THR A 463 -0.71 -18.55 -17.39
N GLN A 464 -0.31 -19.09 -16.24
CA GLN A 464 -0.55 -20.50 -15.96
C GLN A 464 -2.03 -20.82 -16.00
N PHE A 465 -2.85 -19.98 -15.34
CA PHE A 465 -4.29 -20.22 -15.32
C PHE A 465 -4.88 -20.18 -16.72
N SER A 466 -4.29 -19.40 -17.62
CA SER A 466 -4.77 -19.33 -18.99
C SER A 466 -4.49 -20.63 -19.74
N GLU A 467 -3.28 -21.19 -19.55
CA GLU A 467 -2.97 -22.47 -20.19
C GLU A 467 -3.88 -23.57 -19.66
N THR A 468 -4.09 -23.62 -18.36
CA THR A 468 -4.94 -24.64 -17.74
C THR A 468 -6.36 -24.55 -18.29
N ARG A 551 -49.92 6.50 -24.99
CA ARG A 551 -49.32 7.32 -26.04
C ARG A 551 -48.52 8.47 -25.43
N ILE A 552 -48.91 8.91 -24.24
CA ILE A 552 -48.21 9.98 -23.55
C ILE A 552 -47.12 9.43 -22.63
N VAL A 553 -47.42 8.33 -21.92
CA VAL A 553 -46.44 7.75 -21.01
C VAL A 553 -45.20 7.31 -21.77
N ASP A 554 -45.39 6.64 -22.91
CA ASP A 554 -44.28 6.12 -23.70
C ASP A 554 -43.49 7.21 -24.41
N SER A 555 -44.00 8.45 -24.42
CA SER A 555 -43.32 9.51 -25.14
C SER A 555 -41.93 9.76 -24.57
N LYS A 556 -40.99 10.11 -25.45
CA LYS A 556 -39.63 10.37 -25.01
C LYS A 556 -39.58 11.54 -24.04
N TYR A 557 -40.31 12.61 -24.34
CA TYR A 557 -40.28 13.78 -23.48
C TYR A 557 -40.81 13.47 -22.08
N PHE A 558 -41.83 12.62 -22.00
CA PHE A 558 -42.30 12.18 -20.69
C PHE A 558 -41.21 11.44 -19.94
N SER A 559 -40.48 10.55 -20.63
CA SER A 559 -39.40 9.82 -19.98
C SER A 559 -38.29 10.75 -19.53
N ARG A 560 -37.97 11.77 -20.33
CA ARG A 560 -36.93 12.71 -19.94
C ARG A 560 -37.35 13.52 -18.73
N GLY A 561 -38.64 13.84 -18.62
CA GLY A 561 -39.12 14.60 -17.48
C GLY A 561 -38.90 13.88 -16.16
N ILE A 562 -39.28 12.59 -16.12
CA ILE A 562 -39.02 11.80 -14.92
C ILE A 562 -37.52 11.67 -14.65
N MET A 563 -36.72 11.48 -15.70
CA MET A 563 -35.29 11.27 -15.52
C MET A 563 -34.67 12.44 -14.76
N MET A 564 -34.99 13.67 -15.17
CA MET A 564 -34.43 14.83 -14.48
C MET A 564 -35.07 15.04 -13.12
N ALA A 565 -36.33 14.65 -12.96
CA ALA A 565 -36.99 14.79 -11.67
C ALA A 565 -36.30 13.93 -10.61
N ILE A 566 -35.94 12.69 -10.97
CA ILE A 566 -35.23 11.84 -10.03
C ILE A 566 -33.87 12.42 -9.70
N LEU A 567 -33.15 12.91 -10.72
CA LEU A 567 -31.78 13.38 -10.52
C LEU A 567 -31.75 14.56 -9.56
N VAL A 568 -32.67 15.51 -9.71
CA VAL A 568 -32.67 16.67 -8.83
C VAL A 568 -32.97 16.25 -7.40
N ASN A 569 -33.93 15.34 -7.21
CA ASN A 569 -34.29 14.89 -5.87
C ASN A 569 -33.12 14.19 -5.20
N THR A 570 -32.39 13.35 -5.93
CA THR A 570 -31.25 12.66 -5.35
C THR A 570 -30.16 13.63 -4.95
N LEU A 571 -29.92 14.65 -5.77
CA LEU A 571 -28.88 15.63 -5.44
C LEU A 571 -29.32 16.55 -4.30
N SER A 572 -30.62 16.80 -4.16
CA SER A 572 -31.09 17.65 -3.08
C SER A 572 -30.83 17.03 -1.71
N MET A 573 -30.60 15.72 -1.64
CA MET A 573 -30.27 15.08 -0.38
C MET A 573 -28.84 15.37 0.06
N GLY A 574 -28.00 15.86 -0.85
CA GLY A 574 -26.63 16.18 -0.53
C GLY A 574 -26.39 17.60 -0.06
N VAL A 575 -27.44 18.39 0.11
CA VAL A 575 -27.30 19.77 0.55
C VAL A 575 -27.36 19.83 2.06
N GLU A 576 -27.52 18.68 2.71
CA GLU A 576 -27.52 18.62 4.16
C GLU A 576 -26.13 18.90 4.70
N TYR A 577 -26.08 19.54 5.86
CA TYR A 577 -24.84 19.72 6.60
C TYR A 577 -25.17 19.91 8.07
N HIS A 578 -24.14 20.13 8.88
CA HIS A 578 -24.29 20.01 10.32
C HIS A 578 -25.31 20.99 10.90
N GLU A 579 -25.03 22.29 10.79
CA GLU A 579 -25.88 23.31 11.41
C GLU A 579 -26.82 23.91 10.37
N GLN A 580 -27.79 23.11 9.97
CA GLN A 580 -28.75 23.56 8.98
C GLN A 580 -29.67 24.62 9.59
N PRO A 581 -29.94 25.71 8.87
CA PRO A 581 -31.06 26.57 9.27
C PRO A 581 -32.36 25.79 9.20
N GLU A 582 -33.23 26.02 10.18
CA GLU A 582 -34.48 25.25 10.24
C GLU A 582 -35.34 25.49 9.01
N GLU A 583 -35.21 26.65 8.35
CA GLU A 583 -35.91 26.87 7.10
C GLU A 583 -35.39 25.97 5.98
N LEU A 584 -34.08 25.71 5.95
CA LEU A 584 -33.53 24.79 4.96
C LEU A 584 -34.04 23.37 5.20
N THR A 585 -34.15 22.96 6.47
CA THR A 585 -34.70 21.65 6.77
C THR A 585 -36.13 21.53 6.27
N ASN A 586 -36.95 22.57 6.51
CA ASN A 586 -38.32 22.54 6.03
C ASN A 586 -38.40 22.47 4.51
N ALA A 587 -37.55 23.22 3.81
CA ALA A 587 -37.57 23.19 2.36
C ALA A 587 -37.35 21.78 1.82
N LEU A 588 -36.44 21.04 2.44
CA LEU A 588 -36.19 19.66 2.02
C LEU A 588 -37.44 18.79 2.23
N GLU A 589 -38.14 18.98 3.34
CA GLU A 589 -39.36 18.22 3.58
C GLU A 589 -40.48 18.63 2.62
N ILE A 590 -40.61 19.93 2.34
CA ILE A 590 -41.55 20.36 1.31
C ILE A 590 -41.16 19.78 -0.04
N SER A 591 -39.86 19.82 -0.36
CA SER A 591 -39.40 19.25 -1.63
C SER A 591 -39.71 17.75 -1.70
N ASN A 592 -39.58 17.04 -0.58
CA ASN A 592 -39.89 15.62 -0.57
C ASN A 592 -41.34 15.37 -0.95
N ILE A 593 -42.26 16.20 -0.44
CA ILE A 593 -43.68 16.04 -0.76
C ILE A 593 -43.91 16.19 -2.25
N VAL A 594 -43.32 17.23 -2.86
CA VAL A 594 -43.55 17.49 -4.28
C VAL A 594 -43.09 16.30 -5.12
N PHE A 595 -41.86 15.84 -4.88
CA PHE A 595 -41.34 14.72 -5.66
C PHE A 595 -42.08 13.43 -5.33
N THR A 596 -42.45 13.24 -4.06
CA THR A 596 -43.23 12.06 -3.69
C THR A 596 -44.55 12.02 -4.45
N SER A 597 -45.23 13.17 -4.53
CA SER A 597 -46.49 13.23 -5.27
C SER A 597 -46.28 12.93 -6.75
N MET A 598 -45.21 13.48 -7.33
CA MET A 598 -44.97 13.30 -8.76
C MET A 598 -44.83 11.82 -9.11
N PHE A 599 -44.04 11.08 -8.32
CA PHE A 599 -43.91 9.65 -8.56
C PHE A 599 -45.23 8.93 -8.32
N ALA A 600 -46.00 9.36 -7.31
CA ALA A 600 -47.31 8.76 -7.07
C ALA A 600 -48.24 8.97 -8.25
N LEU A 601 -48.25 10.17 -8.82
CA LEU A 601 -49.07 10.42 -10.00
C LEU A 601 -48.65 9.52 -11.15
N GLU A 602 -47.33 9.32 -11.32
CA GLU A 602 -46.84 8.49 -12.40
C GLU A 602 -47.40 7.08 -12.32
N MET A 603 -47.39 6.48 -11.12
CA MET A 603 -47.93 5.14 -10.96
C MET A 603 -49.40 5.10 -11.33
N LEU A 604 -50.17 6.12 -10.94
CA LEU A 604 -51.59 6.14 -11.25
C LEU A 604 -51.83 6.13 -12.76
N LEU A 605 -51.10 6.98 -13.49
CA LEU A 605 -51.28 7.03 -14.94
C LEU A 605 -50.92 5.70 -15.58
N LYS A 606 -49.82 5.08 -15.16
CA LYS A 606 -49.42 3.81 -15.74
C LYS A 606 -50.37 2.68 -15.35
N LEU A 607 -50.89 2.71 -14.12
CA LEU A 607 -51.85 1.68 -13.72
C LEU A 607 -53.11 1.73 -14.57
N LEU A 608 -53.61 2.93 -14.86
CA LEU A 608 -54.79 3.05 -15.71
C LEU A 608 -54.51 2.64 -17.14
N ALA A 609 -53.29 2.89 -17.63
CA ALA A 609 -52.97 2.59 -19.02
C ALA A 609 -52.78 1.10 -19.27
N CYS A 610 -52.38 0.33 -18.25
CA CYS A 610 -52.09 -1.08 -18.43
C CYS A 610 -52.83 -2.00 -17.46
N GLY A 611 -53.32 -1.49 -16.33
CA GLY A 611 -53.98 -2.33 -15.36
C GLY A 611 -52.98 -2.98 -14.42
N PRO A 612 -53.47 -3.45 -13.26
CA PRO A 612 -52.53 -4.01 -12.26
C PRO A 612 -51.71 -5.17 -12.79
N LEU A 613 -52.33 -6.08 -13.55
CA LEU A 613 -51.58 -7.23 -14.06
C LEU A 613 -50.59 -6.81 -15.14
N GLY A 614 -51.00 -5.91 -16.03
CA GLY A 614 -50.07 -5.37 -17.01
C GLY A 614 -48.95 -4.59 -16.35
N TYR A 615 -49.28 -3.82 -15.32
CA TYR A 615 -48.26 -3.06 -14.60
C TYR A 615 -47.22 -3.99 -13.97
N ILE A 616 -47.67 -5.09 -13.37
CA ILE A 616 -46.76 -6.03 -12.72
C ILE A 616 -45.90 -6.78 -13.74
N ARG A 617 -46.31 -6.81 -15.01
CA ARG A 617 -45.61 -7.61 -16.01
C ARG A 617 -44.16 -7.20 -16.20
N ASN A 618 -43.78 -5.98 -15.80
CA ASN A 618 -42.42 -5.51 -15.93
C ASN A 618 -41.77 -5.39 -14.55
N PRO A 619 -40.60 -5.99 -14.33
CA PRO A 619 -40.02 -5.93 -12.98
C PRO A 619 -39.74 -4.52 -12.49
N TYR A 620 -39.34 -3.62 -13.38
CA TYR A 620 -38.98 -2.27 -12.94
C TYR A 620 -40.18 -1.53 -12.36
N ASN A 621 -41.36 -1.67 -12.96
CA ASN A 621 -42.54 -1.02 -12.39
C ASN A 621 -42.84 -1.55 -11.00
N ILE A 622 -42.53 -2.82 -10.75
CA ILE A 622 -42.69 -3.37 -9.39
C ILE A 622 -41.71 -2.68 -8.45
N PHE A 623 -40.46 -2.51 -8.87
CA PHE A 623 -39.48 -1.84 -8.02
C PHE A 623 -39.88 -0.39 -7.78
N ASP A 624 -40.33 0.31 -8.82
CA ASP A 624 -40.78 1.68 -8.65
C ASP A 624 -41.99 1.74 -7.73
N GLY A 625 -42.90 0.78 -7.84
CA GLY A 625 -44.09 0.80 -7.01
C GLY A 625 -43.76 0.71 -5.53
N ILE A 626 -42.81 -0.17 -5.17
CA ILE A 626 -42.48 -0.37 -3.76
C ILE A 626 -41.93 0.91 -3.15
N ILE A 627 -41.12 1.65 -3.90
CA ILE A 627 -40.56 2.88 -3.36
C ILE A 627 -41.68 3.87 -3.05
N VAL A 628 -42.67 3.97 -3.93
CA VAL A 628 -43.72 4.97 -3.75
C VAL A 628 -44.47 4.72 -2.45
N VAL A 629 -44.87 3.48 -2.20
CA VAL A 629 -45.67 3.20 -1.00
C VAL A 629 -44.86 3.47 0.26
N ILE A 630 -43.59 3.06 0.30
CA ILE A 630 -42.75 3.35 1.46
C ILE A 630 -42.60 4.85 1.64
N SER A 631 -42.37 5.59 0.55
CA SER A 631 -42.27 7.04 0.67
C SER A 631 -43.57 7.64 1.18
N VAL A 632 -44.71 7.19 0.63
CA VAL A 632 -45.99 7.67 1.12
C VAL A 632 -46.20 7.24 2.56
N TRP A 633 -45.85 5.99 2.90
CA TRP A 633 -45.95 5.53 4.27
C TRP A 633 -45.22 6.48 5.21
N GLU A 634 -44.06 6.99 4.79
CA GLU A 634 -43.28 7.88 5.63
C GLU A 634 -44.05 9.17 5.93
N ILE A 635 -44.66 9.76 4.91
CA ILE A 635 -45.39 11.01 5.11
C ILE A 635 -46.59 10.79 6.02
N VAL A 636 -47.34 9.72 5.77
CA VAL A 636 -48.52 9.43 6.59
C VAL A 636 -48.10 9.07 8.01
N GLY A 637 -46.97 8.38 8.15
CA GLY A 637 -46.49 7.95 9.44
C GLY A 637 -45.75 8.99 10.24
N GLN A 638 -45.62 10.21 9.71
CA GLN A 638 -44.93 11.29 10.42
C GLN A 638 -45.52 11.50 11.81
N SER A 644 -36.78 8.23 11.26
CA SER A 644 -35.41 8.25 10.79
C SER A 644 -35.02 6.91 10.17
N VAL A 645 -35.93 5.94 10.25
CA VAL A 645 -35.68 4.63 9.65
C VAL A 645 -35.92 4.67 8.15
N LEU A 646 -37.05 5.26 7.73
CA LEU A 646 -37.39 5.31 6.32
C LEU A 646 -36.78 6.51 5.62
N ARG A 647 -36.20 7.46 6.37
CA ARG A 647 -35.44 8.53 5.73
C ARG A 647 -34.23 7.97 5.00
N THR A 648 -33.60 6.94 5.57
CA THR A 648 -32.44 6.34 4.94
C THR A 648 -32.81 5.61 3.66
N PHE A 649 -34.02 5.06 3.59
CA PHE A 649 -34.43 4.32 2.40
C PHE A 649 -34.80 5.23 1.24
N ARG A 650 -34.82 6.55 1.44
CA ARG A 650 -35.00 7.46 0.33
C ARG A 650 -33.81 7.48 -0.61
N LEU A 651 -32.70 6.87 -0.22
CA LEU A 651 -31.53 6.77 -1.11
C LEU A 651 -31.73 5.76 -2.22
N LEU A 652 -32.69 4.84 -2.08
CA LEU A 652 -32.95 3.87 -3.13
C LEU A 652 -33.53 4.49 -4.38
N ARG A 653 -34.02 5.73 -4.32
CA ARG A 653 -34.62 6.35 -5.49
C ARG A 653 -33.63 6.52 -6.63
N VAL A 654 -32.34 6.57 -6.34
CA VAL A 654 -31.35 6.69 -7.40
C VAL A 654 -31.34 5.46 -8.30
N LEU A 655 -31.71 4.30 -7.76
CA LEU A 655 -31.68 3.07 -8.53
C LEU A 655 -32.63 3.08 -9.72
N LYS A 656 -33.63 3.97 -9.73
CA LYS A 656 -34.55 4.02 -10.86
C LYS A 656 -33.88 4.50 -12.13
N LEU A 657 -32.74 5.17 -12.04
CA LEU A 657 -32.05 5.65 -13.23
C LEU A 657 -31.53 4.53 -14.10
N VAL A 658 -31.45 3.30 -13.58
CA VAL A 658 -30.95 2.18 -14.40
C VAL A 658 -31.88 1.90 -15.57
N ARG A 659 -33.19 2.07 -15.39
CA ARG A 659 -34.12 1.86 -16.49
C ARG A 659 -33.77 2.75 -17.68
N PHE A 660 -33.47 4.02 -17.41
CA PHE A 660 -33.22 5.00 -18.47
C PHE A 660 -31.80 4.98 -19.00
N LEU A 661 -30.89 4.21 -18.39
CA LEU A 661 -29.48 4.18 -18.78
C LEU A 661 -29.14 2.78 -19.28
N PRO A 662 -29.46 2.48 -20.54
CA PRO A 662 -29.14 1.15 -21.06
C PRO A 662 -27.66 0.82 -21.04
N ALA A 663 -26.78 1.80 -21.30
CA ALA A 663 -25.35 1.54 -21.28
C ALA A 663 -24.88 1.15 -19.89
N LEU A 664 -25.32 1.89 -18.87
CA LEU A 664 -24.97 1.55 -17.50
C LEU A 664 -25.62 0.24 -17.07
N ARG A 665 -26.86 0.02 -17.49
CA ARG A 665 -27.55 -1.22 -17.15
C ARG A 665 -26.79 -2.44 -17.68
N ARG A 666 -26.25 -2.33 -18.90
CA ARG A 666 -25.47 -3.43 -19.45
C ARG A 666 -24.20 -3.69 -18.66
N GLN A 667 -23.64 -2.65 -18.03
CA GLN A 667 -22.44 -2.85 -17.21
C GLN A 667 -22.77 -3.51 -15.88
N LEU A 668 -23.91 -3.17 -15.30
CA LEU A 668 -24.28 -3.75 -14.00
C LEU A 668 -24.44 -5.26 -14.11
N VAL A 669 -25.08 -5.74 -15.17
CA VAL A 669 -25.24 -7.18 -15.33
C VAL A 669 -23.88 -7.85 -15.52
N VAL A 670 -22.95 -7.19 -16.20
CA VAL A 670 -21.62 -7.75 -16.38
C VAL A 670 -20.94 -7.95 -15.03
N LEU A 671 -21.01 -6.94 -14.15
CA LEU A 671 -20.43 -7.08 -12.82
C LEU A 671 -21.12 -8.18 -12.05
N VAL A 672 -22.45 -8.26 -12.14
CA VAL A 672 -23.19 -9.29 -11.41
C VAL A 672 -22.76 -10.68 -11.86
N LYS A 673 -22.58 -10.88 -13.17
CA LYS A 673 -22.10 -12.17 -13.66
C LYS A 673 -20.73 -12.52 -13.11
N THR A 674 -19.92 -11.52 -12.76
CA THR A 674 -18.61 -11.80 -12.18
C THR A 674 -18.73 -12.30 -10.74
N MET A 675 -19.85 -12.00 -10.08
CA MET A 675 -20.03 -12.41 -8.68
C MET A 675 -20.41 -13.87 -8.55
N ASP A 676 -20.70 -14.57 -9.64
CA ASP A 676 -20.95 -16.01 -9.56
C ASP A 676 -19.71 -16.80 -9.24
N ASN A 677 -18.55 -16.40 -9.76
CA ASN A 677 -17.29 -17.07 -9.46
C ASN A 677 -16.51 -16.41 -8.33
N VAL A 678 -16.85 -15.16 -7.99
CA VAL A 678 -16.29 -14.57 -6.77
C VAL A 678 -16.80 -15.28 -5.54
N ALA A 679 -18.06 -15.73 -5.57
CA ALA A 679 -18.66 -16.36 -4.40
C ALA A 679 -17.90 -17.62 -4.00
N THR A 680 -17.40 -18.38 -4.97
CA THR A 680 -16.62 -19.57 -4.64
C THR A 680 -15.36 -19.20 -3.87
N PHE A 681 -14.68 -18.13 -4.29
CA PHE A 681 -13.48 -17.70 -3.57
C PHE A 681 -13.81 -17.08 -2.23
N CYS A 682 -14.93 -16.36 -2.14
CA CYS A 682 -15.32 -15.76 -0.87
C CYS A 682 -15.58 -16.83 0.18
N THR A 683 -16.25 -17.92 -0.20
CA THR A 683 -16.51 -19.00 0.73
C THR A 683 -15.20 -19.57 1.28
N LEU A 684 -14.20 -19.73 0.41
CA LEU A 684 -12.90 -20.19 0.87
C LEU A 684 -12.21 -19.17 1.75
N LEU A 685 -12.41 -17.87 1.47
CA LEU A 685 -11.74 -16.84 2.26
C LEU A 685 -12.39 -16.67 3.63
N MET A 686 -13.72 -16.81 3.71
CA MET A 686 -14.38 -16.74 5.01
C MET A 686 -13.93 -17.88 5.91
N LEU A 687 -13.81 -19.09 5.36
CA LEU A 687 -13.25 -20.20 6.12
C LEU A 687 -11.81 -19.91 6.50
N PHE A 688 -11.04 -19.32 5.58
CA PHE A 688 -9.66 -18.95 5.86
C PHE A 688 -9.58 -17.95 7.00
N ILE A 689 -10.44 -16.92 6.99
CA ILE A 689 -10.43 -15.92 8.06
C ILE A 689 -10.83 -16.55 9.37
N PHE A 690 -11.82 -17.45 9.36
CA PHE A 690 -12.30 -18.04 10.61
C PHE A 690 -11.20 -18.85 11.29
N ILE A 691 -10.44 -19.64 10.53
CA ILE A 691 -9.39 -20.45 11.13
C ILE A 691 -8.32 -19.58 11.77
N PHE A 692 -7.93 -18.49 11.10
CA PHE A 692 -6.91 -17.62 11.66
C PHE A 692 -7.45 -16.76 12.80
N SER A 693 -8.75 -16.49 12.80
CA SER A 693 -9.35 -15.76 13.93
C SER A 693 -9.35 -16.61 15.19
N ILE A 694 -9.71 -17.89 15.07
CA ILE A 694 -9.69 -18.79 16.22
C ILE A 694 -8.25 -19.08 16.63
N LEU A 695 -7.35 -19.23 15.65
CA LEU A 695 -5.94 -19.47 15.96
C LEU A 695 -5.35 -18.31 16.74
N GLY A 696 -5.70 -17.08 16.34
CA GLY A 696 -5.21 -15.91 17.06
C GLY A 696 -5.73 -15.84 18.48
N MET A 697 -7.00 -16.19 18.68
CA MET A 697 -7.58 -16.17 20.01
C MET A 697 -6.80 -17.09 20.95
N HIS A 698 -6.33 -18.22 20.45
CA HIS A 698 -5.58 -19.15 21.27
C HIS A 698 -4.17 -18.61 21.58
N LEU A 699 -3.48 -18.12 20.55
CA LEU A 699 -2.12 -17.64 20.74
C LEU A 699 -2.09 -16.33 21.52
N PHE A 700 -2.90 -15.35 21.11
CA PHE A 700 -2.84 -14.00 21.63
C PHE A 700 -4.06 -13.60 22.45
N GLY A 701 -4.93 -14.54 22.79
CA GLY A 701 -6.16 -14.20 23.49
C GLY A 701 -5.92 -13.55 24.83
N CYS A 702 -6.46 -12.35 24.99
CA CYS A 702 -6.48 -11.67 26.29
C CYS A 702 -5.06 -11.43 26.81
N LYS A 703 -4.10 -11.26 25.90
CA LYS A 703 -2.72 -10.97 26.26
C LYS A 703 -2.24 -9.60 25.80
N PHE A 704 -2.99 -8.89 24.94
CA PHE A 704 -2.61 -7.56 24.51
C PHE A 704 -3.11 -6.51 25.49
N SER A 705 -2.77 -6.66 26.77
CA SER A 705 -3.22 -5.73 27.79
C SER A 705 -2.27 -4.53 27.88
N PRO A 715 -7.08 -2.58 27.54
CA PRO A 715 -6.85 -3.50 26.43
C PRO A 715 -6.93 -2.81 25.07
N ASP A 716 -5.97 -3.11 24.20
CA ASP A 716 -5.93 -2.50 22.89
C ASP A 716 -7.16 -2.87 22.08
N ARG A 717 -7.60 -1.92 21.24
CA ARG A 717 -8.73 -2.21 20.36
C ARG A 717 -8.38 -3.33 19.38
N LYS A 718 -7.11 -3.42 18.97
CA LYS A 718 -6.65 -4.49 18.08
C LYS A 718 -6.27 -5.69 18.94
N ASN A 719 -7.29 -6.45 19.35
CA ASN A 719 -7.11 -7.55 20.27
C ASN A 719 -7.84 -8.78 19.75
N PHE A 720 -7.43 -9.94 20.25
CA PHE A 720 -8.05 -11.22 19.94
C PHE A 720 -8.80 -11.76 21.15
N ASP A 721 -9.44 -10.86 21.90
CA ASP A 721 -10.12 -11.26 23.13
C ASP A 721 -11.50 -11.87 22.89
N SER A 722 -12.04 -11.74 21.69
CA SER A 722 -13.34 -12.32 21.38
C SER A 722 -13.41 -12.56 19.87
N LEU A 723 -14.40 -13.35 19.46
CA LEU A 723 -14.51 -13.71 18.05
C LEU A 723 -14.78 -12.48 17.19
N LEU A 724 -15.64 -11.57 17.67
CA LEU A 724 -15.98 -10.40 16.87
C LEU A 724 -14.74 -9.58 16.53
N TRP A 725 -13.94 -9.24 17.54
CA TRP A 725 -12.77 -8.42 17.33
C TRP A 725 -11.55 -9.22 16.88
N ALA A 726 -11.62 -10.55 16.95
CA ALA A 726 -10.59 -11.37 16.31
C ALA A 726 -10.79 -11.42 14.81
N ILE A 727 -12.05 -11.50 14.36
CA ILE A 727 -12.33 -11.44 12.92
C ILE A 727 -11.98 -10.08 12.37
N VAL A 728 -12.35 -9.00 13.08
CA VAL A 728 -12.05 -7.67 12.60
C VAL A 728 -10.55 -7.44 12.53
N THR A 729 -9.81 -7.92 13.53
CA THR A 729 -8.37 -7.76 13.53
C THR A 729 -7.72 -8.55 12.39
N VAL A 730 -8.22 -9.77 12.14
CA VAL A 730 -7.66 -10.57 11.06
C VAL A 730 -8.01 -9.96 9.71
N PHE A 731 -9.23 -9.46 9.56
CA PHE A 731 -9.59 -8.76 8.33
C PHE A 731 -8.71 -7.53 8.13
N GLN A 732 -8.43 -6.80 9.21
CA GLN A 732 -7.59 -5.62 9.12
C GLN A 732 -6.20 -5.95 8.61
N ILE A 733 -5.62 -7.07 9.08
CA ILE A 733 -4.28 -7.43 8.66
C ILE A 733 -4.24 -7.73 7.17
N LEU A 734 -5.31 -8.32 6.64
CA LEU A 734 -5.35 -8.60 5.20
C LEU A 734 -5.36 -7.32 4.38
N THR A 735 -6.03 -6.28 4.86
CA THR A 735 -5.94 -4.97 4.23
C THR A 735 -4.59 -4.31 4.45
N GLN A 736 -3.77 -4.85 5.34
CA GLN A 736 -2.43 -4.32 5.62
C GLN A 736 -2.52 -2.87 6.12
N GLU A 737 -3.34 -2.68 7.15
CA GLU A 737 -3.53 -1.37 7.78
C GLU A 737 -3.18 -1.52 9.26
N ASP A 738 -2.06 -0.92 9.65
CA ASP A 738 -1.56 -1.00 11.02
C ASP A 738 -1.30 -2.44 11.44
N TRP A 739 -1.05 -3.33 10.49
CA TRP A 739 -0.74 -4.72 10.83
C TRP A 739 0.54 -4.81 11.63
N ASN A 740 1.49 -3.90 11.42
CA ASN A 740 2.73 -3.92 12.18
C ASN A 740 2.49 -3.58 13.65
N VAL A 741 1.47 -2.77 13.93
CA VAL A 741 1.10 -2.52 15.33
C VAL A 741 0.69 -3.81 16.01
N VAL A 742 -0.12 -4.62 15.33
CA VAL A 742 -0.53 -5.90 15.89
C VAL A 742 0.67 -6.85 15.97
N LEU A 743 1.58 -6.78 14.99
CA LEU A 743 2.75 -7.65 15.00
C LEU A 743 3.60 -7.42 16.25
N TYR A 744 3.86 -6.16 16.57
CA TYR A 744 4.70 -5.86 17.73
C TYR A 744 4.04 -6.33 19.02
N ASN A 745 2.71 -6.20 19.10
CA ASN A 745 2.00 -6.70 20.27
C ASN A 745 2.13 -8.21 20.37
N GLY A 746 1.97 -8.91 19.25
CA GLY A 746 2.09 -10.36 19.27
C GLY A 746 3.51 -10.79 19.57
N MET A 747 4.49 -10.13 18.95
CA MET A 747 5.88 -10.47 19.21
C MET A 747 6.25 -10.28 20.67
N ALA A 748 5.83 -9.16 21.27
CA ALA A 748 6.25 -8.85 22.63
C ALA A 748 5.58 -9.75 23.65
N SER A 749 4.31 -10.11 23.44
CA SER A 749 3.55 -10.81 24.47
C SER A 749 3.95 -12.28 24.56
N THR A 750 3.91 -13.00 23.45
CA THR A 750 4.19 -14.43 23.49
C THR A 750 5.65 -14.72 23.18
N SER A 751 6.13 -14.31 22.01
CA SER A 751 7.48 -14.65 21.58
C SER A 751 7.74 -14.00 20.23
N SER A 752 9.02 -13.83 19.92
CA SER A 752 9.39 -13.22 18.65
C SER A 752 9.13 -14.15 17.47
N TRP A 753 8.93 -15.44 17.70
CA TRP A 753 8.53 -16.35 16.63
C TRP A 753 7.07 -16.22 16.26
N ALA A 754 6.31 -15.37 16.96
CA ALA A 754 4.93 -15.10 16.60
C ALA A 754 4.82 -14.37 15.27
N ALA A 755 5.92 -13.86 14.72
CA ALA A 755 5.88 -13.25 13.40
C ALA A 755 5.40 -14.22 12.35
N LEU A 756 5.58 -15.53 12.55
CA LEU A 756 5.14 -16.50 11.55
C LEU A 756 3.62 -16.52 11.42
N TYR A 757 2.90 -16.12 12.48
CA TYR A 757 1.45 -16.05 12.37
C TYR A 757 1.03 -15.01 11.36
N PHE A 758 1.68 -13.85 11.37
CA PHE A 758 1.31 -12.77 10.45
C PHE A 758 1.90 -12.99 9.06
N VAL A 759 3.08 -13.62 8.97
CA VAL A 759 3.67 -13.88 7.67
C VAL A 759 2.84 -14.91 6.90
N ALA A 760 2.32 -15.91 7.61
CA ALA A 760 1.50 -16.93 6.95
C ALA A 760 0.13 -16.38 6.59
N LEU A 761 -0.44 -15.54 7.46
CA LEU A 761 -1.75 -14.97 7.18
C LEU A 761 -1.72 -14.05 5.97
N MET A 762 -0.69 -13.19 5.90
CA MET A 762 -0.57 -12.28 4.76
C MET A 762 -0.19 -13.04 3.49
N THR A 763 0.80 -13.93 3.59
CA THR A 763 1.29 -14.63 2.40
C THR A 763 0.20 -15.52 1.81
N PHE A 764 -0.56 -16.20 2.66
CA PHE A 764 -1.63 -17.07 2.18
C PHE A 764 -2.83 -16.25 1.72
N GLY A 765 -3.13 -15.15 2.41
CA GLY A 765 -4.27 -14.33 2.01
C GLY A 765 -4.07 -13.68 0.66
N ASN A 766 -2.88 -13.13 0.43
CA ASN A 766 -2.61 -12.48 -0.86
C ASN A 766 -2.47 -13.50 -1.98
N TYR A 767 -2.06 -14.72 -1.66
CA TYR A 767 -2.00 -15.77 -2.67
C TYR A 767 -3.40 -16.11 -3.18
N VAL A 768 -4.37 -16.21 -2.26
CA VAL A 768 -5.73 -16.54 -2.65
C VAL A 768 -6.36 -15.40 -3.44
N LEU A 769 -6.05 -14.15 -3.07
CA LEU A 769 -6.67 -13.01 -3.75
C LEU A 769 -6.12 -12.81 -5.14
N PHE A 770 -4.86 -13.19 -5.40
CA PHE A 770 -4.35 -13.17 -6.76
C PHE A 770 -5.11 -14.16 -7.63
N ASN A 771 -5.43 -15.33 -7.09
CA ASN A 771 -6.14 -16.34 -7.88
C ASN A 771 -7.56 -15.90 -8.20
N LEU A 772 -8.16 -15.07 -7.34
CA LEU A 772 -9.47 -14.51 -7.65
C LEU A 772 -9.37 -13.53 -8.82
N LEU A 773 -8.32 -12.72 -8.84
CA LEU A 773 -8.10 -11.79 -9.95
C LEU A 773 -7.85 -12.55 -11.25
N VAL A 774 -7.05 -13.61 -11.19
CA VAL A 774 -6.76 -14.37 -12.39
C VAL A 774 -7.99 -15.11 -12.89
N ALA A 775 -8.86 -15.55 -11.98
CA ALA A 775 -10.08 -16.23 -12.40
C ALA A 775 -10.96 -15.32 -13.24
N ILE A 776 -11.07 -14.05 -12.83
CA ILE A 776 -11.90 -13.11 -13.58
C ILE A 776 -11.27 -12.78 -14.93
N LEU A 777 -9.94 -12.65 -14.96
CA LEU A 777 -9.26 -12.36 -16.23
C LEU A 777 -9.53 -13.45 -17.25
N VAL A 778 -9.33 -14.71 -16.88
CA VAL A 778 -9.45 -15.80 -17.83
C VAL A 778 -10.88 -15.86 -18.38
N GLU A 779 -11.88 -15.73 -17.52
CA GLU A 779 -13.24 -15.67 -18.02
C GLU A 779 -13.50 -14.42 -18.84
N GLY A 780 -12.63 -13.42 -18.76
CA GLY A 780 -12.74 -12.23 -19.59
C GLY A 780 -12.10 -12.45 -20.95
N PHE A 781 -10.93 -13.11 -20.97
CA PHE A 781 -10.34 -13.51 -22.24
C PHE A 781 -11.24 -14.51 -22.97
N GLN A 782 -11.90 -15.40 -22.23
CA GLN A 782 -12.73 -16.43 -22.82
C GLN A 782 -11.92 -17.30 -23.78
N ARG A 1045 7.66 35.90 -48.21
CA ARG A 1045 8.82 35.03 -48.35
C ARG A 1045 9.36 34.62 -46.99
N PHE A 1046 9.10 35.44 -45.98
CA PHE A 1046 9.50 35.09 -44.63
C PHE A 1046 8.81 33.82 -44.16
N ARG A 1047 7.52 33.66 -44.50
CA ARG A 1047 6.80 32.46 -44.13
C ARG A 1047 7.46 31.20 -44.68
N VAL A 1048 8.12 31.32 -45.83
CA VAL A 1048 8.82 30.16 -46.40
C VAL A 1048 9.98 29.75 -45.50
N SER A 1049 10.74 30.72 -45.01
CA SER A 1049 11.86 30.40 -44.12
C SER A 1049 11.38 29.72 -42.84
N CYS A 1050 10.29 30.22 -42.27
CA CYS A 1050 9.76 29.62 -41.05
C CYS A 1050 9.32 28.18 -41.29
N GLN A 1051 8.67 27.91 -42.43
CA GLN A 1051 8.29 26.55 -42.76
C GLN A 1051 9.49 25.63 -42.79
N LYS A 1052 10.64 26.15 -43.21
CA LYS A 1052 11.84 25.32 -43.29
C LYS A 1052 12.40 25.04 -41.91
N VAL A 1053 12.35 26.02 -41.00
CA VAL A 1053 12.91 25.84 -39.66
C VAL A 1053 12.10 24.80 -38.89
N ILE A 1054 10.77 24.92 -38.90
CA ILE A 1054 9.94 24.01 -38.13
C ILE A 1054 10.06 22.59 -38.65
N THR A 1055 10.25 22.40 -39.95
CA THR A 1055 10.42 21.08 -40.53
C THR A 1055 11.82 20.51 -40.31
N HIS A 1056 12.74 21.31 -39.78
CA HIS A 1056 14.09 20.84 -39.54
C HIS A 1056 14.09 19.67 -38.57
N LYS A 1057 14.95 18.68 -38.85
CA LYS A 1057 15.00 17.50 -38.00
C LYS A 1057 15.44 17.84 -36.58
N MET A 1058 16.25 18.88 -36.42
CA MET A 1058 16.82 19.22 -35.13
C MET A 1058 16.00 20.24 -34.35
N PHE A 1059 14.84 20.65 -34.88
CA PHE A 1059 14.04 21.66 -34.19
C PHE A 1059 13.62 21.16 -32.81
N ASP A 1060 13.02 19.98 -32.74
CA ASP A 1060 12.57 19.46 -31.46
C ASP A 1060 13.74 19.26 -30.50
N HIS A 1061 14.85 18.71 -31.00
CA HIS A 1061 16.00 18.47 -30.14
C HIS A 1061 16.54 19.77 -29.57
N VAL A 1062 16.54 20.84 -30.37
CA VAL A 1062 17.06 22.12 -29.89
C VAL A 1062 16.12 22.71 -28.83
N VAL A 1063 14.81 22.67 -29.08
CA VAL A 1063 13.85 23.17 -28.10
C VAL A 1063 13.81 22.28 -26.87
N LEU A 1064 14.05 20.98 -27.03
CA LEU A 1064 14.07 20.09 -25.87
C LEU A 1064 15.17 20.47 -24.90
N VAL A 1065 16.25 21.07 -25.40
CA VAL A 1065 17.32 21.51 -24.51
C VAL A 1065 16.84 22.66 -23.63
N PHE A 1066 16.16 23.64 -24.24
CA PHE A 1066 15.68 24.78 -23.46
C PHE A 1066 14.65 24.36 -22.43
N ILE A 1067 13.77 23.42 -22.79
CA ILE A 1067 12.78 22.93 -21.83
C ILE A 1067 13.47 22.27 -20.65
N PHE A 1068 14.50 21.46 -20.93
CA PHE A 1068 15.23 20.81 -19.85
C PHE A 1068 15.89 21.85 -18.94
N LEU A 1069 16.50 22.88 -19.51
CA LEU A 1069 17.14 23.90 -18.69
C LEU A 1069 16.12 24.64 -17.83
N ASN A 1070 14.91 24.84 -18.36
CA ASN A 1070 13.86 25.46 -17.57
C ASN A 1070 13.50 24.60 -16.37
N CYS A 1071 13.58 23.27 -16.52
CA CYS A 1071 13.30 22.38 -15.40
C CYS A 1071 14.30 22.59 -14.27
N VAL A 1072 15.57 22.79 -14.60
CA VAL A 1072 16.58 23.03 -13.57
C VAL A 1072 16.25 24.32 -12.82
N THR A 1073 15.74 25.33 -13.53
CA THR A 1073 15.37 26.58 -12.88
C THR A 1073 14.18 26.39 -11.94
N ILE A 1074 13.19 25.61 -12.37
CA ILE A 1074 12.03 25.36 -11.51
C ILE A 1074 12.44 24.57 -10.28
N ALA A 1075 13.38 23.64 -10.43
CA ALA A 1075 13.76 22.78 -9.32
C ALA A 1075 14.63 23.52 -8.31
N LEU A 1076 15.26 24.62 -8.71
CA LEU A 1076 16.06 25.41 -7.78
C LEU A 1076 15.21 26.35 -6.92
N GLU A 1077 13.95 26.57 -7.29
CA GLU A 1077 13.09 27.44 -6.52
C GLU A 1077 12.78 26.83 -5.17
N ARG A 1078 12.86 27.63 -4.11
CA ARG A 1078 12.53 27.18 -2.77
C ARG A 1078 12.24 28.41 -1.90
N PRO A 1079 11.52 28.24 -0.80
CA PRO A 1079 11.12 29.41 0.00
C PRO A 1079 12.28 30.12 0.70
N ASP A 1080 13.43 29.46 0.88
CA ASP A 1080 14.51 30.02 1.68
C ASP A 1080 15.46 30.90 0.89
N ILE A 1081 15.16 31.18 -0.38
CA ILE A 1081 16.02 32.06 -1.16
C ILE A 1081 15.79 33.50 -0.73
N ASP A 1082 16.87 34.18 -0.36
CA ASP A 1082 16.76 35.58 0.05
C ASP A 1082 16.37 36.44 -1.14
N PRO A 1083 15.47 37.41 -0.96
CA PRO A 1083 15.12 38.29 -2.09
C PRO A 1083 16.30 39.03 -2.67
N GLY A 1084 17.26 39.45 -1.83
CA GLY A 1084 18.42 40.17 -2.28
C GLY A 1084 19.62 39.33 -2.64
N SER A 1085 19.50 38.01 -2.62
CA SER A 1085 20.62 37.14 -2.93
C SER A 1085 20.89 37.12 -4.43
N THR A 1086 22.10 36.68 -4.79
CA THR A 1086 22.45 36.55 -6.20
C THR A 1086 21.62 35.49 -6.89
N GLU A 1087 21.28 34.41 -6.19
CA GLU A 1087 20.50 33.34 -6.81
C GLU A 1087 19.14 33.85 -7.26
N ARG A 1088 18.50 34.70 -6.46
CA ARG A 1088 17.22 35.26 -6.86
C ARG A 1088 17.35 36.06 -8.15
N VAL A 1089 18.44 36.82 -8.28
CA VAL A 1089 18.68 37.55 -9.52
C VAL A 1089 18.87 36.57 -10.68
N PHE A 1090 19.65 35.51 -10.45
CA PHE A 1090 19.87 34.52 -11.50
C PHE A 1090 18.56 33.89 -11.94
N LEU A 1091 17.73 33.47 -10.98
CA LEU A 1091 16.45 32.85 -11.32
C LEU A 1091 15.52 33.85 -11.99
N SER A 1092 15.47 35.09 -11.49
CA SER A 1092 14.56 36.08 -12.03
C SER A 1092 14.88 36.39 -13.48
N VAL A 1093 16.16 36.56 -13.80
CA VAL A 1093 16.54 36.87 -15.18
C VAL A 1093 16.26 35.68 -16.09
N SER A 1094 16.56 34.47 -15.62
CA SER A 1094 16.31 33.29 -16.44
C SER A 1094 14.85 33.19 -16.83
N ASN A 1095 13.93 33.63 -15.96
CA ASN A 1095 12.53 33.63 -16.31
C ASN A 1095 12.25 34.55 -17.50
N TYR A 1096 12.89 35.73 -17.53
CA TYR A 1096 12.70 36.64 -18.64
C TYR A 1096 13.27 36.06 -19.93
N ILE A 1097 14.42 35.40 -19.85
CA ILE A 1097 15.01 34.82 -21.05
C ILE A 1097 14.14 33.68 -21.57
N PHE A 1098 13.77 32.75 -20.70
CA PHE A 1098 13.02 31.57 -21.15
C PHE A 1098 11.67 31.95 -21.72
N THR A 1099 10.95 32.87 -21.05
CA THR A 1099 9.67 33.30 -21.59
C THR A 1099 9.84 33.94 -22.97
N ALA A 1100 10.94 34.67 -23.16
CA ALA A 1100 11.22 35.27 -24.46
C ALA A 1100 11.49 34.21 -25.52
N ILE A 1101 12.23 33.14 -25.15
CA ILE A 1101 12.53 32.09 -26.11
C ILE A 1101 11.26 31.38 -26.55
N PHE A 1102 10.37 31.07 -25.61
CA PHE A 1102 9.20 30.26 -25.93
C PHE A 1102 8.09 31.06 -26.60
N VAL A 1103 8.12 32.39 -26.53
CA VAL A 1103 7.20 33.16 -27.35
C VAL A 1103 7.67 33.17 -28.80
N ALA A 1104 9.00 33.30 -29.00
CA ALA A 1104 9.55 33.27 -30.34
C ALA A 1104 9.27 31.94 -31.02
N GLU A 1105 9.42 30.83 -30.28
CA GLU A 1105 9.12 29.53 -30.85
C GLU A 1105 7.66 29.43 -31.28
N MET A 1106 6.75 29.94 -30.45
CA MET A 1106 5.34 29.95 -30.81
C MET A 1106 5.09 30.87 -31.99
N MET A 1107 5.67 32.08 -31.96
CA MET A 1107 5.43 33.05 -33.02
C MET A 1107 5.94 32.53 -34.36
N VAL A 1108 7.14 31.95 -34.35
CA VAL A 1108 7.70 31.40 -35.59
C VAL A 1108 6.80 30.30 -36.12
N LYS A 1109 6.34 29.41 -35.24
CA LYS A 1109 5.49 28.32 -35.67
C LYS A 1109 4.13 28.83 -36.15
N VAL A 1110 3.58 29.84 -35.47
CA VAL A 1110 2.27 30.36 -35.85
C VAL A 1110 2.32 30.99 -37.23
N VAL A 1111 3.35 31.79 -37.49
CA VAL A 1111 3.50 32.39 -38.82
C VAL A 1111 3.63 31.29 -39.87
N ALA A 1112 4.43 30.27 -39.59
CA ALA A 1112 4.66 29.21 -40.57
C ALA A 1112 3.36 28.46 -40.89
N LEU A 1113 2.59 28.12 -39.86
CA LEU A 1113 1.42 27.26 -40.05
C LEU A 1113 0.11 28.04 -40.06
N GLY A 1114 0.11 29.29 -39.59
CA GLY A 1114 -1.12 30.04 -39.46
C GLY A 1114 -1.80 29.72 -38.15
N LEU A 1115 -2.62 30.65 -37.64
CA LEU A 1115 -3.21 30.45 -36.32
C LEU A 1115 -4.32 29.40 -36.36
N LEU A 1116 -5.43 29.70 -37.04
CA LEU A 1116 -6.52 28.73 -37.12
C LEU A 1116 -7.18 28.70 -38.50
N SER A 1117 -6.67 29.42 -39.50
CA SER A 1117 -7.34 29.45 -40.80
C SER A 1117 -7.11 28.16 -41.57
N GLY A 1118 -5.86 27.77 -41.81
CA GLY A 1118 -5.58 26.62 -42.63
C GLY A 1118 -5.87 25.31 -41.93
N GLU A 1119 -5.92 24.24 -42.73
CA GLU A 1119 -6.13 22.91 -42.18
C GLU A 1119 -4.97 22.45 -41.31
N HIS A 1120 -3.75 22.86 -41.65
CA HIS A 1120 -2.57 22.59 -40.84
C HIS A 1120 -2.29 23.71 -39.85
N ALA A 1121 -3.31 24.46 -39.46
CA ALA A 1121 -3.11 25.64 -38.63
C ALA A 1121 -2.56 25.24 -37.26
N TYR A 1122 -2.12 26.25 -36.51
CA TYR A 1122 -1.48 26.01 -35.22
C TYR A 1122 -2.43 25.36 -34.23
N LEU A 1123 -3.67 25.84 -34.17
CA LEU A 1123 -4.63 25.38 -33.18
C LEU A 1123 -5.44 24.16 -33.63
N GLN A 1124 -4.96 23.41 -34.61
CA GLN A 1124 -5.64 22.19 -35.04
C GLN A 1124 -5.23 20.97 -34.22
N SER A 1125 -4.30 21.12 -33.28
CA SER A 1125 -3.87 20.01 -32.44
C SER A 1125 -3.86 20.46 -30.98
N SER A 1126 -4.25 19.54 -30.10
CA SER A 1126 -4.28 19.86 -28.68
C SER A 1126 -2.89 20.15 -28.14
N TRP A 1127 -1.88 19.40 -28.59
CA TRP A 1127 -0.52 19.62 -28.11
C TRP A 1127 -0.05 21.04 -28.42
N ASN A 1128 -0.52 21.62 -29.52
CA ASN A 1128 -0.23 23.02 -29.82
C ASN A 1128 -1.05 23.96 -28.96
N LEU A 1129 -2.30 23.60 -28.65
CA LEU A 1129 -3.12 24.42 -27.77
C LEU A 1129 -2.49 24.54 -26.39
N LEU A 1130 -1.97 23.43 -25.86
CA LEU A 1130 -1.35 23.45 -24.54
C LEU A 1130 -0.16 24.41 -24.53
N ASP A 1131 0.66 24.37 -25.58
CA ASP A 1131 1.82 25.26 -25.63
C ASP A 1131 1.40 26.72 -25.63
N GLY A 1132 0.34 27.05 -26.37
CA GLY A 1132 -0.12 28.42 -26.42
C GLY A 1132 -0.59 28.93 -25.07
N LEU A 1133 -1.35 28.11 -24.35
CA LEU A 1133 -1.87 28.53 -23.05
C LEU A 1133 -0.73 28.81 -22.07
N LEU A 1134 0.30 27.96 -22.08
CA LEU A 1134 1.45 28.21 -21.22
C LEU A 1134 2.13 29.51 -21.57
N VAL A 1135 2.26 29.80 -22.87
CA VAL A 1135 2.82 31.08 -23.29
C VAL A 1135 1.93 32.23 -22.86
N LEU A 1136 0.62 32.07 -22.98
CA LEU A 1136 -0.30 33.12 -22.55
C LEU A 1136 -0.14 33.39 -21.06
N VAL A 1137 -0.04 32.33 -20.25
CA VAL A 1137 0.12 32.50 -18.81
C VAL A 1137 1.42 33.24 -18.51
N SER A 1138 2.49 32.90 -19.24
CA SER A 1138 3.78 33.55 -19.01
C SER A 1138 3.69 35.05 -19.28
N LEU A 1139 3.01 35.44 -20.35
CA LEU A 1139 2.88 36.86 -20.65
C LEU A 1139 2.11 37.58 -19.56
N VAL A 1140 1.02 36.98 -19.07
CA VAL A 1140 0.25 37.60 -18.00
C VAL A 1140 1.11 37.76 -16.75
N ASP A 1141 1.98 36.78 -16.48
CA ASP A 1141 2.87 36.89 -15.34
C ASP A 1141 3.75 38.13 -15.46
N ILE A 1142 4.29 38.38 -16.65
CA ILE A 1142 5.10 39.57 -16.86
C ILE A 1142 4.28 40.83 -16.61
N VAL A 1143 3.05 40.85 -17.11
CA VAL A 1143 2.19 42.03 -16.97
C VAL A 1143 1.94 42.31 -15.49
N VAL A 1144 1.55 41.28 -14.74
CA VAL A 1144 1.26 41.47 -13.33
C VAL A 1144 2.52 41.85 -12.57
N ALA A 1145 3.64 41.17 -12.84
CA ALA A 1145 4.88 41.51 -12.16
C ALA A 1145 5.31 42.94 -12.44
N MET A 1146 4.94 43.47 -13.60
CA MET A 1146 5.27 44.86 -13.93
C MET A 1146 4.52 45.85 -13.06
N ALA A 1147 3.38 45.45 -12.49
CA ALA A 1147 2.59 46.35 -11.65
C ALA A 1147 3.36 46.72 -10.40
N GLY A 1151 3.75 47.36 -6.89
CA GLY A 1151 3.19 48.68 -6.71
C GLY A 1151 1.68 48.70 -6.88
N ALA A 1152 1.04 47.56 -6.66
CA ALA A 1152 -0.40 47.45 -6.82
C ALA A 1152 -0.90 46.31 -5.95
N LYS A 1153 -2.22 46.30 -5.74
CA LYS A 1153 -2.86 45.29 -4.90
C LYS A 1153 -3.23 44.09 -5.76
N ILE A 1154 -2.19 43.35 -6.16
CA ILE A 1154 -2.36 42.17 -7.00
C ILE A 1154 -1.68 40.97 -6.35
N LEU A 1155 -1.52 41.02 -5.02
CA LEU A 1155 -0.87 39.93 -4.32
C LEU A 1155 -1.64 38.62 -4.49
N GLY A 1156 -2.97 38.68 -4.40
CA GLY A 1156 -3.76 37.46 -4.53
C GLY A 1156 -3.62 36.81 -5.89
N VAL A 1157 -3.69 37.61 -6.96
CA VAL A 1157 -3.59 37.06 -8.31
C VAL A 1157 -2.20 36.49 -8.54
N LEU A 1158 -1.16 37.12 -7.99
CA LEU A 1158 0.20 36.66 -8.23
C LEU A 1158 0.39 35.22 -7.78
N ARG A 1159 -0.13 34.87 -6.61
CA ARG A 1159 0.08 33.53 -6.08
C ARG A 1159 -0.58 32.47 -6.94
N VAL A 1160 -1.67 32.80 -7.61
CA VAL A 1160 -2.32 31.83 -8.49
C VAL A 1160 -1.45 31.57 -9.72
N LEU A 1161 -0.82 32.61 -10.25
CA LEU A 1161 0.04 32.44 -11.42
C LEU A 1161 1.24 31.58 -11.09
N ARG A 1162 1.78 31.71 -9.87
CA ARG A 1162 2.93 30.89 -9.48
C ARG A 1162 2.59 29.41 -9.52
N LEU A 1163 1.33 29.05 -9.21
CA LEU A 1163 0.94 27.66 -9.28
C LEU A 1163 0.89 27.15 -10.71
N LEU A 1164 0.46 28.01 -11.64
CA LEU A 1164 0.39 27.60 -13.04
C LEU A 1164 1.75 27.61 -13.72
N ARG A 1165 2.78 28.14 -13.06
CA ARG A 1165 4.13 28.09 -13.62
C ARG A 1165 4.77 26.73 -13.45
N THR A 1166 4.19 25.85 -12.63
CA THR A 1166 4.76 24.52 -12.40
C THR A 1166 4.30 23.51 -13.43
N LEU A 1167 3.42 23.89 -14.35
CA LEU A 1167 2.95 23.00 -15.41
C LEU A 1167 3.77 23.15 -16.70
N ARG A 1168 4.76 24.04 -16.71
CA ARG A 1168 5.57 24.25 -17.90
C ARG A 1168 6.25 22.96 -18.34
N PRO A 1169 6.77 22.13 -17.42
CA PRO A 1169 7.42 20.88 -17.85
C PRO A 1169 6.50 19.95 -18.64
N LEU A 1170 5.21 20.25 -18.76
CA LEU A 1170 4.34 19.44 -19.61
C LEU A 1170 4.68 19.58 -21.08
N ARG A 1171 5.51 20.57 -21.45
CA ARG A 1171 5.90 20.74 -22.85
C ARG A 1171 6.85 19.65 -23.32
N VAL A 1172 7.40 18.84 -22.41
CA VAL A 1172 8.32 17.78 -22.82
C VAL A 1172 7.59 16.68 -23.58
N ILE A 1173 6.31 16.45 -23.27
CA ILE A 1173 5.61 15.30 -23.83
C ILE A 1173 5.57 15.40 -25.36
N SER A 1174 5.19 16.56 -25.89
CA SER A 1174 5.02 16.69 -27.33
C SER A 1174 6.36 16.62 -28.06
N ARG A 1175 7.44 17.07 -27.42
CA ARG A 1175 8.75 17.06 -28.07
C ARG A 1175 9.37 15.67 -28.13
N ALA A 1176 8.89 14.73 -27.32
CA ALA A 1176 9.41 13.37 -27.31
C ALA A 1176 8.38 12.43 -27.91
N PRO A 1177 8.61 11.85 -29.09
CA PRO A 1177 7.59 10.95 -29.66
C PRO A 1177 7.26 9.78 -28.75
N GLY A 1178 8.22 9.27 -27.99
CA GLY A 1178 7.92 8.16 -27.10
C GLY A 1178 6.90 8.52 -26.04
N LEU A 1179 7.08 9.68 -25.40
CA LEU A 1179 6.13 10.12 -24.39
C LEU A 1179 4.76 10.38 -24.99
N LYS A 1180 4.72 10.96 -26.19
CA LYS A 1180 3.44 11.28 -26.80
C LYS A 1180 2.62 10.02 -27.05
N LEU A 1181 3.27 8.95 -27.51
CA LEU A 1181 2.56 7.70 -27.75
C LEU A 1181 2.01 7.11 -26.45
N VAL A 1182 2.83 7.04 -25.41
CA VAL A 1182 2.39 6.44 -24.15
C VAL A 1182 1.27 7.28 -23.55
N VAL A 1183 1.41 8.61 -23.55
CA VAL A 1183 0.38 9.45 -22.97
C VAL A 1183 -0.94 9.27 -23.70
N GLU A 1184 -0.89 9.09 -25.02
CA GLU A 1184 -2.11 8.84 -25.77
C GLU A 1184 -2.65 7.44 -25.53
N THR A 1185 -1.78 6.50 -25.14
CA THR A 1185 -2.23 5.15 -24.84
C THR A 1185 -3.00 5.10 -23.52
N LEU A 1186 -2.53 5.82 -22.51
CA LEU A 1186 -3.22 5.83 -21.22
C LEU A 1186 -4.62 6.40 -21.36
N ILE A 1187 -4.78 7.48 -22.12
CA ILE A 1187 -6.09 8.09 -22.30
C ILE A 1187 -7.04 7.12 -22.98
N SER A 1188 -6.56 6.43 -24.02
CA SER A 1188 -7.41 5.48 -24.73
C SER A 1188 -7.76 4.26 -23.87
N SER A 1189 -6.97 3.99 -22.83
CA SER A 1189 -7.26 2.88 -21.93
C SER A 1189 -8.41 3.18 -20.97
N LEU A 1190 -8.77 4.45 -20.78
CA LEU A 1190 -9.86 4.79 -19.88
C LEU A 1190 -11.22 4.62 -20.52
N ARG A 1191 -11.30 4.51 -21.84
CA ARG A 1191 -12.59 4.35 -22.51
C ARG A 1191 -13.30 3.07 -22.11
N PRO A 1192 -12.67 1.90 -22.16
CA PRO A 1192 -13.39 0.67 -21.79
C PRO A 1192 -13.91 0.67 -20.37
N ILE A 1193 -13.22 1.31 -19.44
CA ILE A 1193 -13.61 1.33 -18.05
C ILE A 1193 -14.31 2.64 -17.68
N GLY A 1194 -14.87 3.35 -18.66
CA GLY A 1194 -15.57 4.59 -18.37
C GLY A 1194 -16.83 4.36 -17.56
N ASN A 1195 -17.56 3.28 -17.83
CA ASN A 1195 -18.81 3.03 -17.12
C ASN A 1195 -18.58 2.53 -15.71
N ILE A 1196 -17.52 1.75 -15.47
CA ILE A 1196 -17.24 1.29 -14.12
C ILE A 1196 -16.88 2.48 -13.23
N VAL A 1197 -16.17 3.46 -13.79
CA VAL A 1197 -15.85 4.66 -13.02
C VAL A 1197 -17.11 5.42 -12.66
N LEU A 1198 -18.06 5.52 -13.59
CA LEU A 1198 -19.32 6.19 -13.30
C LEU A 1198 -20.08 5.48 -12.20
N ILE A 1199 -20.11 4.14 -12.24
CA ILE A 1199 -20.79 3.39 -11.20
C ILE A 1199 -20.09 3.60 -9.86
N CYS A 1200 -18.76 3.64 -9.86
CA CYS A 1200 -18.04 3.88 -8.62
C CYS A 1200 -18.29 5.29 -8.09
N CYS A 1201 -18.33 6.28 -8.98
CA CYS A 1201 -18.60 7.66 -8.54
C CYS A 1201 -20.01 7.80 -8.00
N ALA A 1202 -20.98 7.11 -8.61
CA ALA A 1202 -22.33 7.11 -8.05
C ALA A 1202 -22.35 6.44 -6.69
N PHE A 1203 -21.59 5.36 -6.52
CA PHE A 1203 -21.49 4.70 -5.23
C PHE A 1203 -20.91 5.63 -4.17
N PHE A 1204 -19.89 6.41 -4.54
CA PHE A 1204 -19.27 7.31 -3.57
C PHE A 1204 -20.28 8.32 -3.06
N ILE A 1205 -21.11 8.86 -3.95
CA ILE A 1205 -22.08 9.87 -3.53
C ILE A 1205 -23.19 9.24 -2.69
N ILE A 1206 -23.63 8.04 -3.05
CA ILE A 1206 -24.69 7.37 -2.27
C ILE A 1206 -24.21 7.12 -0.85
N PHE A 1207 -22.99 6.59 -0.71
CA PHE A 1207 -22.45 6.35 0.62
C PHE A 1207 -22.03 7.65 1.31
N GLY A 1208 -21.67 8.68 0.52
CA GLY A 1208 -21.36 9.96 1.11
C GLY A 1208 -22.57 10.61 1.75
N ILE A 1209 -23.71 10.55 1.07
CA ILE A 1209 -24.94 11.09 1.64
C ILE A 1209 -25.38 10.27 2.85
N LEU A 1210 -25.25 8.95 2.77
CA LEU A 1210 -25.64 8.11 3.90
C LEU A 1210 -24.79 8.40 5.12
N GLY A 1211 -23.49 8.60 4.93
CA GLY A 1211 -22.62 8.89 6.05
C GLY A 1211 -22.97 10.19 6.74
N VAL A 1212 -23.32 11.22 5.97
CA VAL A 1212 -23.68 12.51 6.55
C VAL A 1212 -24.89 12.35 7.44
N GLN A 1213 -25.89 11.59 7.00
CA GLN A 1213 -27.08 11.39 7.81
C GLN A 1213 -26.78 10.67 9.11
N LEU A 1214 -25.82 9.73 9.08
CA LEU A 1214 -25.47 8.97 10.27
C LEU A 1214 -24.53 9.73 11.19
N PHE A 1215 -23.49 10.37 10.64
CA PHE A 1215 -22.35 10.82 11.44
C PHE A 1215 -22.18 12.34 11.50
N LYS A 1216 -23.07 13.13 10.89
CA LYS A 1216 -22.83 14.56 10.88
C LYS A 1216 -22.99 15.13 12.30
N GLY A 1217 -22.01 15.92 12.72
CA GLY A 1217 -22.03 16.56 14.00
C GLY A 1217 -21.58 15.71 15.17
N LYS A 1218 -21.17 14.46 14.93
CA LYS A 1218 -20.82 13.53 16.00
C LYS A 1218 -19.33 13.23 16.07
N PHE A 1219 -18.50 13.82 15.21
CA PHE A 1219 -17.07 13.57 15.22
C PHE A 1219 -16.29 14.64 15.98
N TYR A 1220 -16.92 15.30 16.94
CA TYR A 1220 -16.23 16.20 17.85
C TYR A 1220 -15.79 15.44 19.09
N TYR A 1221 -14.79 15.97 19.77
CA TYR A 1221 -14.28 15.33 20.98
C TYR A 1221 -13.52 16.35 21.82
N CYS A 1222 -13.34 16.02 23.09
CA CYS A 1222 -12.64 16.88 24.04
C CYS A 1222 -11.19 16.45 24.12
N GLU A 1223 -10.28 17.39 23.91
CA GLU A 1223 -8.84 17.12 23.88
C GLU A 1223 -8.23 17.64 25.16
N GLY A 1224 -7.71 16.73 25.98
CA GLY A 1224 -7.06 17.09 27.22
C GLY A 1224 -6.37 15.91 27.87
N PRO A 1225 -5.40 16.20 28.76
CA PRO A 1225 -4.63 15.12 29.38
C PRO A 1225 -5.47 14.15 30.19
N ASP A 1226 -6.52 14.66 30.84
CA ASP A 1226 -7.39 13.86 31.69
C ASP A 1226 -8.83 14.10 31.22
N THR A 1227 -9.29 13.27 30.29
CA THR A 1227 -10.59 13.45 29.68
C THR A 1227 -11.58 12.32 29.97
N ARG A 1228 -11.17 11.27 30.69
CA ARG A 1228 -12.09 10.17 30.95
C ARG A 1228 -13.30 10.62 31.75
N ASN A 1229 -13.21 11.75 32.43
CA ASN A 1229 -14.31 12.24 33.25
C ASN A 1229 -15.21 13.22 32.51
N ILE A 1230 -14.89 13.56 31.26
CA ILE A 1230 -15.70 14.48 30.45
C ILE A 1230 -16.74 13.68 29.69
N SER A 1231 -17.94 14.26 29.56
CA SER A 1231 -19.02 13.58 28.84
C SER A 1231 -19.78 14.47 27.87
N THR A 1232 -19.58 15.79 27.88
CA THR A 1232 -20.29 16.68 26.98
C THR A 1232 -19.39 17.84 26.61
N LYS A 1233 -19.86 18.66 25.66
CA LYS A 1233 -19.12 19.87 25.31
C LYS A 1233 -19.02 20.82 26.50
N ALA A 1234 -20.11 20.98 27.25
CA ALA A 1234 -20.12 21.92 28.36
C ALA A 1234 -19.06 21.55 29.40
N GLN A 1235 -18.96 20.27 29.73
CA GLN A 1235 -17.95 19.86 30.71
C GLN A 1235 -16.54 20.10 30.19
N CYS A 1236 -16.33 19.95 28.88
CA CYS A 1236 -15.02 20.25 28.31
C CYS A 1236 -14.65 21.71 28.50
N ARG A 1237 -15.61 22.62 28.29
CA ARG A 1237 -15.35 24.04 28.52
C ARG A 1237 -15.04 24.31 29.98
N ALA A 1238 -15.78 23.66 30.90
CA ALA A 1238 -15.55 23.89 32.32
C ALA A 1238 -14.14 23.46 32.72
N ALA A 1239 -13.68 22.32 32.21
CA ALA A 1239 -12.35 21.81 32.54
C ALA A 1239 -11.24 22.55 31.82
N HIS A 1240 -11.52 23.66 31.14
CA HIS A 1240 -10.51 24.46 30.47
C HIS A 1240 -9.84 23.72 29.32
N TYR A 1241 -10.46 22.68 28.81
CA TYR A 1241 -9.95 21.94 27.66
C TYR A 1241 -10.50 22.60 26.38
N ARG A 1242 -10.22 21.98 25.23
CA ARG A 1242 -10.67 22.51 23.95
C ARG A 1242 -11.52 21.47 23.22
N TRP A 1243 -12.61 21.93 22.64
CA TRP A 1243 -13.53 21.08 21.89
C TRP A 1243 -13.19 21.16 20.41
N VAL A 1244 -12.70 20.05 19.85
CA VAL A 1244 -12.12 20.04 18.51
C VAL A 1244 -12.80 18.97 17.67
N ARG A 1245 -12.64 19.09 16.35
CA ARG A 1245 -13.25 18.21 15.37
C ARG A 1245 -12.19 17.39 14.66
N ARG A 1246 -12.57 16.18 14.25
CA ARG A 1246 -11.68 15.33 13.48
C ARG A 1246 -11.44 15.92 12.10
N LYS A 1247 -10.22 15.73 11.58
CA LYS A 1247 -9.93 16.17 10.22
C LYS A 1247 -10.80 15.47 9.20
N TYR A 1248 -11.00 14.16 9.36
CA TYR A 1248 -11.85 13.36 8.48
C TYR A 1248 -13.16 13.08 9.21
N ASN A 1249 -14.23 13.70 8.74
CA ASN A 1249 -15.54 13.63 9.38
C ASN A 1249 -16.59 13.53 8.29
N PHE A 1250 -17.86 13.68 8.68
CA PHE A 1250 -18.99 13.60 7.77
C PHE A 1250 -19.96 14.76 8.00
N ASP A 1251 -19.42 15.93 8.36
CA ASP A 1251 -20.28 17.07 8.64
C ASP A 1251 -21.11 17.47 7.43
N ASN A 1252 -20.64 17.19 6.22
CA ASN A 1252 -21.39 17.48 5.01
C ASN A 1252 -20.91 16.53 3.92
N LEU A 1253 -21.54 16.64 2.74
CA LEU A 1253 -21.15 15.79 1.63
C LEU A 1253 -19.75 16.08 1.14
N GLY A 1254 -19.28 17.31 1.26
CA GLY A 1254 -17.90 17.61 0.89
C GLY A 1254 -16.90 16.93 1.81
N GLN A 1255 -17.18 16.94 3.11
CA GLN A 1255 -16.30 16.27 4.06
C GLN A 1255 -16.41 14.76 3.99
N ALA A 1256 -17.61 14.25 3.69
CA ALA A 1256 -17.79 12.81 3.60
C ALA A 1256 -17.01 12.23 2.43
N LEU A 1257 -16.99 12.94 1.29
CA LEU A 1257 -16.27 12.43 0.13
C LEU A 1257 -14.78 12.33 0.40
N MET A 1258 -14.22 13.29 1.13
CA MET A 1258 -12.82 13.19 1.52
C MET A 1258 -12.58 12.01 2.45
N SER A 1259 -13.49 11.78 3.40
CA SER A 1259 -13.36 10.64 4.30
C SER A 1259 -13.47 9.33 3.55
N LEU A 1260 -14.39 9.24 2.59
CA LEU A 1260 -14.59 7.98 1.88
C LEU A 1260 -13.39 7.63 1.02
N PHE A 1261 -12.73 8.63 0.45
CA PHE A 1261 -11.54 8.35 -0.35
C PHE A 1261 -10.40 7.83 0.51
N VAL A 1262 -10.25 8.37 1.72
CA VAL A 1262 -9.23 7.86 2.61
C VAL A 1262 -9.54 6.43 3.02
N LEU A 1263 -10.82 6.09 3.19
CA LEU A 1263 -11.20 4.70 3.42
C LEU A 1263 -10.83 3.82 2.23
N SER A 1264 -11.19 4.26 1.02
CA SER A 1264 -10.98 3.42 -0.15
C SER A 1264 -9.50 3.12 -0.36
N SER A 1265 -8.63 4.10 -0.10
CA SER A 1265 -7.19 3.87 -0.18
C SER A 1265 -6.69 2.94 0.91
N LYS A 1266 -7.49 2.68 1.94
CA LYS A 1266 -7.15 1.72 3.01
C LYS A 1266 -5.93 2.16 3.80
N ASP A 1267 -5.67 3.46 3.84
CA ASP A 1267 -4.64 4.04 4.71
C ASP A 1267 -5.34 4.91 5.73
N GLY A 1268 -5.19 4.56 7.01
CA GLY A 1268 -5.92 5.27 8.05
C GLY A 1268 -7.40 5.03 8.04
N TRP A 1269 -7.85 3.93 7.43
CA TRP A 1269 -9.28 3.63 7.41
C TRP A 1269 -9.77 3.09 8.74
N VAL A 1270 -8.89 2.53 9.56
CA VAL A 1270 -9.29 2.02 10.87
C VAL A 1270 -9.64 3.17 11.80
N ASN A 1271 -8.85 4.26 11.75
CA ASN A 1271 -9.13 5.40 12.62
C ASN A 1271 -10.46 6.06 12.28
N ILE A 1272 -10.80 6.13 10.99
CA ILE A 1272 -12.11 6.67 10.61
C ILE A 1272 -13.20 5.73 11.10
N MET A 1273 -12.98 4.42 11.03
CA MET A 1273 -13.97 3.48 11.54
C MET A 1273 -14.17 3.64 13.05
N TYR A 1274 -13.08 3.78 13.80
CA TYR A 1274 -13.21 3.96 15.24
C TYR A 1274 -14.09 5.16 15.57
N ASP A 1275 -13.93 6.25 14.83
CA ASP A 1275 -14.74 7.44 15.09
C ASP A 1275 -16.21 7.17 14.84
N GLY A 1276 -16.52 6.38 13.81
CA GLY A 1276 -17.91 6.05 13.54
C GLY A 1276 -18.49 5.06 14.54
N LEU A 1277 -17.64 4.18 15.09
CA LEU A 1277 -18.10 3.26 16.12
C LEU A 1277 -18.35 3.97 17.44
N ASP A 1278 -17.57 5.00 17.74
CA ASP A 1278 -17.67 5.70 19.01
C ASP A 1278 -18.66 6.85 18.99
N ALA A 1279 -19.21 7.20 17.83
CA ALA A 1279 -20.10 8.35 17.75
C ALA A 1279 -21.29 8.17 18.69
N VAL A 1280 -21.59 9.21 19.46
CA VAL A 1280 -22.71 9.21 20.39
C VAL A 1280 -23.78 10.20 19.97
N GLY A 1281 -23.42 11.46 19.80
CA GLY A 1281 -24.36 12.47 19.38
C GLY A 1281 -23.71 13.84 19.35
N VAL A 1282 -24.53 14.84 19.06
CA VAL A 1282 -24.04 16.21 19.01
C VAL A 1282 -23.72 16.68 20.42
N ASP A 1283 -22.53 17.27 20.59
CA ASP A 1283 -22.08 17.81 21.88
C ASP A 1283 -21.90 16.71 22.93
N GLN A 1284 -21.71 15.47 22.49
CA GLN A 1284 -21.51 14.33 23.38
C GLN A 1284 -20.13 13.76 23.16
N GLN A 1285 -19.49 13.31 24.24
CA GLN A 1285 -18.18 12.71 24.13
C GLN A 1285 -18.30 11.31 23.54
N PRO A 1286 -17.50 10.98 22.50
CA PRO A 1286 -17.55 9.62 21.97
C PRO A 1286 -17.11 8.60 23.01
N VAL A 1287 -17.74 7.43 22.94
CA VAL A 1287 -17.47 6.33 23.86
C VAL A 1287 -17.00 5.13 23.06
N GLN A 1288 -15.97 4.45 23.55
CA GLN A 1288 -15.37 3.35 22.81
C GLN A 1288 -16.39 2.28 22.50
N ASN A 1289 -16.43 1.86 21.24
CA ASN A 1289 -17.30 0.76 20.78
C ASN A 1289 -18.75 1.00 21.19
N HIS A 1290 -19.20 2.25 21.05
CA HIS A 1290 -20.56 2.58 21.44
C HIS A 1290 -21.58 1.86 20.57
N ASN A 1291 -21.34 1.82 19.26
CA ASN A 1291 -22.28 1.22 18.30
C ASN A 1291 -21.51 0.26 17.39
N PRO A 1292 -21.28 -0.98 17.85
CA PRO A 1292 -20.52 -1.93 17.02
C PRO A 1292 -21.19 -2.25 15.70
N TRP A 1293 -22.48 -1.97 15.56
CA TRP A 1293 -23.19 -2.28 14.32
C TRP A 1293 -22.72 -1.44 13.15
N MET A 1294 -21.92 -0.40 13.39
CA MET A 1294 -21.44 0.44 12.31
C MET A 1294 -20.27 -0.17 11.57
N LEU A 1295 -19.78 -1.33 12.01
CA LEU A 1295 -18.81 -2.07 11.22
C LEU A 1295 -19.34 -2.40 9.83
N LEU A 1296 -20.65 -2.63 9.72
CA LEU A 1296 -21.24 -2.93 8.42
C LEU A 1296 -21.03 -1.80 7.44
N TYR A 1297 -21.17 -0.55 7.90
CA TYR A 1297 -21.03 0.59 7.00
C TYR A 1297 -19.61 0.66 6.44
N PHE A 1298 -18.61 0.55 7.30
CA PHE A 1298 -17.22 0.77 6.86
C PHE A 1298 -16.67 -0.44 6.13
N ILE A 1299 -17.05 -1.65 6.54
CA ILE A 1299 -16.53 -2.84 5.86
C ILE A 1299 -17.29 -3.11 4.58
N SER A 1300 -18.53 -2.61 4.47
CA SER A 1300 -19.27 -2.75 3.21
C SER A 1300 -18.69 -1.85 2.13
N PHE A 1301 -18.27 -0.63 2.51
CA PHE A 1301 -17.68 0.28 1.53
C PHE A 1301 -16.32 -0.24 1.06
N LEU A 1302 -15.53 -0.81 1.95
CA LEU A 1302 -14.23 -1.31 1.55
C LEU A 1302 -14.34 -2.46 0.55
N LEU A 1303 -15.28 -3.37 0.77
CA LEU A 1303 -15.41 -4.52 -0.12
C LEU A 1303 -16.00 -4.10 -1.46
N ILE A 1304 -17.01 -3.23 -1.45
CA ILE A 1304 -17.67 -2.86 -2.70
C ILE A 1304 -16.75 -2.02 -3.57
N VAL A 1305 -16.00 -1.10 -2.96
CA VAL A 1305 -15.09 -0.28 -3.74
C VAL A 1305 -13.93 -1.12 -4.26
N SER A 1306 -13.46 -2.07 -3.45
CA SER A 1306 -12.39 -2.96 -3.90
C SER A 1306 -12.85 -3.83 -5.07
N PHE A 1307 -14.12 -4.22 -5.06
CA PHE A 1307 -14.65 -5.02 -6.16
C PHE A 1307 -14.65 -4.22 -7.47
N PHE A 1308 -15.07 -2.95 -7.42
CA PHE A 1308 -15.07 -2.14 -8.62
C PHE A 1308 -13.65 -1.88 -9.11
N VAL A 1309 -12.73 -1.59 -8.19
CA VAL A 1309 -11.33 -1.39 -8.58
C VAL A 1309 -10.74 -2.68 -9.14
N LEU A 1310 -11.21 -3.82 -8.66
CA LEU A 1310 -10.77 -5.09 -9.21
C LEU A 1310 -11.21 -5.24 -10.66
N ASN A 1311 -12.44 -4.85 -10.98
CA ASN A 1311 -12.96 -4.97 -12.33
C ASN A 1311 -12.44 -3.89 -13.26
N MET A 1312 -11.91 -2.79 -12.72
CA MET A 1312 -11.27 -1.79 -13.57
C MET A 1312 -9.91 -2.28 -14.05
N PHE A 1313 -9.17 -2.98 -13.19
CA PHE A 1313 -7.92 -3.57 -13.63
C PHE A 1313 -8.15 -4.64 -14.68
N VAL A 1314 -9.20 -5.44 -14.51
CA VAL A 1314 -9.55 -6.45 -15.51
C VAL A 1314 -9.98 -5.78 -16.81
N GLY A 1315 -10.69 -4.66 -16.71
CA GLY A 1315 -11.15 -3.97 -17.91
C GLY A 1315 -9.99 -3.45 -18.75
N VAL A 1316 -8.93 -2.97 -18.09
CA VAL A 1316 -7.78 -2.48 -18.83
C VAL A 1316 -7.03 -3.62 -19.49
N VAL A 1317 -6.83 -4.72 -18.76
CA VAL A 1317 -6.07 -5.85 -19.30
C VAL A 1317 -6.80 -6.46 -20.50
N VAL A 1318 -8.11 -6.68 -20.37
CA VAL A 1318 -8.84 -7.33 -21.45
C VAL A 1318 -8.76 -6.50 -22.73
N GLU A 1319 -8.83 -5.18 -22.62
CA GLU A 1319 -8.74 -4.33 -23.79
C GLU A 1319 -7.39 -4.45 -24.47
N ASN A 1320 -6.31 -4.50 -23.67
CA ASN A 1320 -4.98 -4.66 -24.24
C ASN A 1320 -4.84 -6.02 -24.92
N PHE A 1321 -5.38 -7.07 -24.30
CA PHE A 1321 -5.35 -8.39 -24.92
C PHE A 1321 -6.09 -8.39 -26.25
N HIS A 1322 -7.30 -7.83 -26.29
CA HIS A 1322 -8.08 -7.86 -27.52
C HIS A 1322 -7.39 -7.06 -28.62
N LYS A 1323 -6.81 -5.91 -28.27
CA LYS A 1323 -6.12 -5.12 -29.29
C LYS A 1323 -4.78 -5.72 -29.64
N CYS A 1324 -4.14 -6.42 -28.70
CA CYS A 1324 -2.86 -7.05 -28.99
C CYS A 1324 -3.02 -8.22 -29.94
N ARG A 1325 -4.01 -9.08 -29.70
CA ARG A 1325 -4.22 -10.22 -30.58
C ARG A 1325 -4.62 -9.78 -31.99
N GLN A 1326 -5.46 -8.76 -32.12
CA GLN A 1326 -5.81 -8.26 -33.45
C GLN A 1326 -4.57 -7.78 -34.19
N HIS A 1327 -3.61 -7.20 -33.47
CA HIS A 1327 -2.35 -6.78 -34.07
C HIS A 1327 -1.35 -7.93 -34.06
N SER A 1367 47.90 -32.28 -26.34
CA SER A 1367 47.37 -31.80 -25.08
C SER A 1367 46.94 -32.97 -24.19
N PRO A 1368 47.88 -33.88 -23.89
CA PRO A 1368 47.51 -35.04 -23.06
C PRO A 1368 47.18 -34.66 -21.63
N THR A 1369 48.01 -33.85 -20.98
CA THR A 1369 47.74 -33.40 -19.62
C THR A 1369 46.58 -32.43 -19.55
N ARG A 1370 46.43 -31.55 -20.54
CA ARG A 1370 45.40 -30.53 -20.51
C ARG A 1370 44.01 -31.12 -20.79
N ARG A 1371 43.95 -32.18 -21.60
CA ARG A 1371 42.65 -32.75 -21.95
C ARG A 1371 41.90 -33.27 -20.73
N SER A 1372 42.62 -33.94 -19.81
CA SER A 1372 41.97 -34.46 -18.62
C SER A 1372 41.30 -33.35 -17.82
N ILE A 1373 42.00 -32.23 -17.64
CA ILE A 1373 41.38 -31.08 -16.98
C ILE A 1373 40.20 -30.57 -17.81
N HIS A 1374 40.36 -30.50 -19.13
CA HIS A 1374 39.28 -30.04 -19.98
C HIS A 1374 38.03 -30.89 -19.82
N SER A 1375 38.21 -32.20 -19.63
CA SER A 1375 37.07 -33.07 -19.41
C SER A 1375 36.35 -32.71 -18.12
N LEU A 1376 37.11 -32.45 -17.05
CA LEU A 1376 36.49 -32.12 -15.77
C LEU A 1376 35.69 -30.83 -15.85
N CYS A 1377 36.28 -29.79 -16.45
CA CYS A 1377 35.57 -28.52 -16.58
C CYS A 1377 34.31 -28.67 -17.42
N THR A 1378 34.36 -29.42 -18.51
CA THR A 1378 33.18 -29.65 -19.32
C THR A 1378 32.12 -30.42 -18.56
N SER A 1379 32.52 -31.36 -17.71
CA SER A 1379 31.57 -32.17 -16.96
C SER A 1379 30.81 -31.30 -15.97
N HIS A 1380 29.60 -31.74 -15.64
CA HIS A 1380 28.74 -31.02 -14.71
C HIS A 1380 29.24 -31.10 -13.26
N TYR A 1381 30.23 -31.94 -12.97
CA TYR A 1381 30.70 -32.08 -11.60
C TYR A 1381 31.20 -30.76 -11.05
N LEU A 1382 31.95 -30.00 -11.85
CA LEU A 1382 32.51 -28.75 -11.36
C LEU A 1382 31.41 -27.78 -10.95
N ASP A 1383 30.36 -27.67 -11.75
CA ASP A 1383 29.27 -26.75 -11.42
C ASP A 1383 28.60 -27.15 -10.11
N LEU A 1384 28.33 -28.44 -9.92
CA LEU A 1384 27.72 -28.88 -8.67
C LEU A 1384 28.62 -28.60 -7.48
N PHE A 1385 29.93 -28.81 -7.63
CA PHE A 1385 30.86 -28.48 -6.55
C PHE A 1385 30.85 -26.98 -6.28
N ILE A 1386 30.86 -26.17 -7.34
CA ILE A 1386 30.84 -24.72 -7.15
C ILE A 1386 29.55 -24.29 -6.46
N THR A 1387 28.42 -24.87 -6.88
CA THR A 1387 27.16 -24.53 -6.24
C THR A 1387 27.19 -24.84 -4.75
N PHE A 1388 27.77 -25.98 -4.38
CA PHE A 1388 27.87 -26.33 -2.97
C PHE A 1388 28.72 -25.32 -2.21
N ILE A 1389 29.85 -24.91 -2.77
CA ILE A 1389 30.76 -24.01 -2.07
C ILE A 1389 30.11 -22.65 -1.85
N ILE A 1390 29.39 -22.15 -2.86
CA ILE A 1390 28.69 -20.88 -2.69
C ILE A 1390 27.55 -21.03 -1.69
N CYS A 1391 26.84 -22.16 -1.73
CA CYS A 1391 25.73 -22.36 -0.80
C CYS A 1391 26.21 -22.35 0.65
N VAL A 1392 27.33 -23.01 0.93
CA VAL A 1392 27.86 -22.96 2.30
C VAL A 1392 28.38 -21.57 2.62
N ASN A 1393 28.96 -20.89 1.64
CA ASN A 1393 29.36 -19.50 1.85
C ASN A 1393 28.14 -18.63 2.13
N VAL A 1394 26.97 -19.02 1.61
CA VAL A 1394 25.72 -18.35 1.95
C VAL A 1394 25.36 -18.58 3.41
N ILE A 1395 25.60 -19.80 3.91
CA ILE A 1395 25.24 -20.10 5.29
C ILE A 1395 26.14 -19.34 6.26
N THR A 1396 27.43 -19.25 5.96
CA THR A 1396 28.35 -18.55 6.85
C THR A 1396 28.11 -17.05 6.86
N MET A 1397 27.60 -16.50 5.75
CA MET A 1397 27.28 -15.08 5.71
C MET A 1397 26.05 -14.73 6.51
N SER A 1398 25.24 -15.72 6.90
CA SER A 1398 24.06 -15.48 7.72
C SER A 1398 24.31 -15.66 9.20
N MET A 1399 25.47 -16.19 9.60
CA MET A 1399 25.76 -16.37 11.01
C MET A 1399 26.27 -15.10 11.68
N GLU A 1400 26.69 -14.10 10.93
CA GLU A 1400 27.13 -12.85 11.55
C GLU A 1400 25.96 -12.16 12.25
N HIS A 1401 26.25 -11.57 13.39
CA HIS A 1401 25.27 -10.87 14.20
C HIS A 1401 26.00 -9.92 15.13
N TYR A 1402 25.23 -9.05 15.79
CA TYR A 1402 25.81 -8.07 16.69
C TYR A 1402 26.42 -8.75 17.90
N ASN A 1403 27.61 -8.29 18.30
CA ASN A 1403 28.31 -8.81 19.48
C ASN A 1403 28.50 -10.32 19.39
N GLN A 1404 28.92 -10.79 18.23
CA GLN A 1404 29.25 -12.21 18.09
C GLN A 1404 30.57 -12.50 18.80
N PRO A 1405 30.73 -13.72 19.31
CA PRO A 1405 31.96 -14.05 20.03
C PRO A 1405 33.18 -14.04 19.12
N LYS A 1406 34.32 -13.71 19.72
CA LYS A 1406 35.57 -13.66 18.94
C LYS A 1406 35.90 -15.02 18.35
N SER A 1407 35.44 -16.11 18.97
CA SER A 1407 35.64 -17.43 18.39
C SER A 1407 35.00 -17.52 17.02
N LEU A 1408 33.78 -16.99 16.87
CA LEU A 1408 33.10 -17.04 15.58
C LEU A 1408 33.80 -16.16 14.56
N ASP A 1409 34.40 -15.06 15.00
CA ASP A 1409 35.12 -14.19 14.07
C ASP A 1409 36.26 -14.93 13.40
N GLU A 1410 37.07 -15.66 14.17
CA GLU A 1410 38.17 -16.40 13.60
C GLU A 1410 37.66 -17.51 12.68
N ALA A 1411 36.61 -18.22 13.09
CA ALA A 1411 36.09 -19.31 12.28
C ALA A 1411 35.59 -18.79 10.93
N LEU A 1412 34.88 -17.66 10.93
CA LEU A 1412 34.42 -17.09 9.67
C LEU A 1412 35.58 -16.64 8.80
N LYS A 1413 36.61 -16.04 9.42
CA LYS A 1413 37.76 -15.60 8.65
C LYS A 1413 38.48 -16.78 7.99
N TYR A 1414 38.62 -17.88 8.71
CA TYR A 1414 39.23 -19.07 8.12
C TYR A 1414 38.40 -19.60 6.96
N CYS A 1415 37.07 -19.59 7.10
CA CYS A 1415 36.21 -20.05 6.02
C CYS A 1415 36.40 -19.20 4.77
N ASN A 1416 36.57 -17.89 4.93
CA ASN A 1416 36.83 -17.02 3.79
C ASN A 1416 38.06 -17.46 3.02
N TYR A 1417 39.10 -17.92 3.72
CA TYR A 1417 40.31 -18.36 3.04
C TYR A 1417 40.01 -19.55 2.13
N VAL A 1418 39.21 -20.51 2.61
CA VAL A 1418 38.91 -21.69 1.82
C VAL A 1418 38.11 -21.32 0.58
N PHE A 1419 37.10 -20.45 0.75
CA PHE A 1419 36.29 -20.05 -0.40
C PHE A 1419 37.11 -19.31 -1.44
N THR A 1420 37.99 -18.40 -1.00
CA THR A 1420 38.82 -17.67 -1.94
C THR A 1420 39.75 -18.61 -2.70
N ILE A 1421 40.35 -19.58 -2.00
CA ILE A 1421 41.23 -20.54 -2.66
C ILE A 1421 40.45 -21.35 -3.68
N VAL A 1422 39.24 -21.79 -3.31
CA VAL A 1422 38.44 -22.62 -4.22
C VAL A 1422 38.15 -21.86 -5.51
N PHE A 1423 37.75 -20.59 -5.39
CA PHE A 1423 37.46 -19.80 -6.59
C PHE A 1423 38.73 -19.58 -7.41
N VAL A 1424 39.88 -19.44 -6.76
CA VAL A 1424 41.13 -19.25 -7.49
C VAL A 1424 41.45 -20.50 -8.31
N PHE A 1425 41.31 -21.68 -7.71
CA PHE A 1425 41.51 -22.92 -8.47
C PHE A 1425 40.46 -23.03 -9.57
N GLU A 1426 39.22 -22.63 -9.27
CA GLU A 1426 38.17 -22.64 -10.28
C GLU A 1426 38.56 -21.82 -11.50
N ALA A 1427 39.10 -20.61 -11.29
CA ALA A 1427 39.53 -19.80 -12.41
C ALA A 1427 40.70 -20.46 -13.14
N ALA A 1428 41.66 -21.01 -12.40
CA ALA A 1428 42.85 -21.57 -13.03
C ALA A 1428 42.50 -22.73 -13.95
N LEU A 1429 41.65 -23.65 -13.48
CA LEU A 1429 41.31 -24.82 -14.28
C LEU A 1429 40.62 -24.43 -15.58
N LYS A 1430 39.67 -23.48 -15.51
CA LYS A 1430 38.98 -23.05 -16.71
C LYS A 1430 39.93 -22.40 -17.71
N LEU A 1431 40.90 -21.63 -17.20
CA LEU A 1431 41.90 -21.04 -18.08
C LEU A 1431 42.67 -22.13 -18.83
N VAL A 1432 43.06 -23.18 -18.11
CA VAL A 1432 43.77 -24.29 -18.74
C VAL A 1432 42.89 -24.98 -19.79
N ALA A 1433 41.64 -25.25 -19.43
CA ALA A 1433 40.78 -26.05 -20.31
C ALA A 1433 40.42 -25.29 -21.58
N PHE A 1434 39.96 -24.05 -21.44
CA PHE A 1434 39.39 -23.31 -22.57
C PHE A 1434 40.35 -22.35 -23.23
N GLY A 1435 41.44 -21.98 -22.56
CA GLY A 1435 42.36 -21.03 -23.13
C GLY A 1435 42.00 -19.59 -22.78
N PHE A 1436 42.99 -18.71 -22.86
CA PHE A 1436 42.83 -17.35 -22.35
C PHE A 1436 41.69 -16.62 -23.07
N ARG A 1437 41.84 -16.38 -24.37
CA ARG A 1437 40.88 -15.55 -25.07
C ARG A 1437 39.52 -16.24 -25.14
N ARG A 1438 39.50 -17.54 -25.41
CA ARG A 1438 38.23 -18.26 -25.49
C ARG A 1438 37.51 -18.27 -24.15
N PHE A 1439 38.25 -18.43 -23.05
CA PHE A 1439 37.64 -18.34 -21.72
C PHE A 1439 37.04 -16.97 -21.48
N PHE A 1440 37.76 -15.92 -21.88
CA PHE A 1440 37.31 -14.56 -21.60
C PHE A 1440 36.02 -14.23 -22.36
N LYS A 1441 35.76 -14.92 -23.47
CA LYS A 1441 34.61 -14.57 -24.29
C LYS A 1441 33.31 -14.74 -23.52
N ASP A 1442 33.19 -15.83 -22.75
CA ASP A 1442 31.97 -16.07 -21.99
C ASP A 1442 31.79 -15.02 -20.91
N ARG A 1443 30.59 -14.44 -20.85
CA ARG A 1443 30.31 -13.42 -19.84
C ARG A 1443 30.40 -14.00 -18.44
N TRP A 1444 29.88 -15.22 -18.24
CA TRP A 1444 29.95 -15.84 -16.92
C TRP A 1444 31.39 -16.00 -16.47
N ASN A 1445 32.29 -16.36 -17.40
CA ASN A 1445 33.70 -16.44 -17.07
C ASN A 1445 34.24 -15.07 -16.66
N GLN A 1446 33.80 -14.01 -17.34
CA GLN A 1446 34.20 -12.67 -16.93
C GLN A 1446 33.72 -12.36 -15.52
N LEU A 1447 32.47 -12.75 -15.21
CA LEU A 1447 31.96 -12.53 -13.86
C LEU A 1447 32.79 -13.29 -12.84
N ASP A 1448 33.19 -14.52 -13.16
CA ASP A 1448 34.00 -15.32 -12.24
C ASP A 1448 35.30 -14.60 -11.93
N LEU A 1449 35.95 -14.03 -12.96
CA LEU A 1449 37.21 -13.33 -12.74
C LEU A 1449 37.04 -12.14 -11.81
N ALA A 1450 35.96 -11.38 -11.98
CA ALA A 1450 35.77 -10.18 -11.15
C ALA A 1450 35.64 -10.54 -9.68
N ILE A 1451 34.87 -11.58 -9.37
CA ILE A 1451 34.69 -11.97 -7.97
C ILE A 1451 36.02 -12.41 -7.39
N VAL A 1452 36.78 -13.23 -8.13
CA VAL A 1452 38.09 -13.65 -7.64
C VAL A 1452 39.00 -12.45 -7.42
N LEU A 1453 39.05 -11.55 -8.41
CA LEU A 1453 39.83 -10.33 -8.25
C LEU A 1453 39.31 -9.50 -7.08
N LEU A 1454 37.99 -9.34 -7.01
CA LEU A 1454 37.39 -8.58 -5.91
C LEU A 1454 37.69 -9.22 -4.56
N SER A 1455 37.59 -10.54 -4.48
CA SER A 1455 37.86 -11.23 -3.23
C SER A 1455 39.31 -11.05 -2.80
N LEU A 1456 40.25 -11.11 -3.74
CA LEU A 1456 41.66 -11.00 -3.39
C LEU A 1456 41.97 -9.66 -2.73
N MET A 1457 41.41 -8.56 -3.27
CA MET A 1457 41.65 -7.26 -2.64
C MET A 1457 41.04 -7.20 -1.24
N GLY A 1458 39.85 -7.77 -1.06
CA GLY A 1458 39.23 -7.72 0.25
C GLY A 1458 40.06 -8.41 1.30
N ILE A 1459 40.68 -9.54 0.94
CA ILE A 1459 41.55 -10.24 1.88
C ILE A 1459 42.81 -9.42 2.14
N THR A 1460 43.35 -8.78 1.10
CA THR A 1460 44.57 -8.01 1.26
C THR A 1460 44.34 -6.82 2.19
N LEU A 1461 43.28 -6.06 1.97
CA LEU A 1461 42.98 -4.93 2.85
C LEU A 1461 42.70 -5.42 4.27
N GLU A 1462 42.02 -6.55 4.41
CA GLU A 1462 41.75 -7.10 5.74
C GLU A 1462 43.04 -7.42 6.47
N GLU A 1463 43.98 -8.09 5.80
CA GLU A 1463 45.18 -8.55 6.48
C GLU A 1463 46.10 -7.39 6.85
N ILE A 1464 46.32 -6.46 5.91
CA ILE A 1464 47.22 -5.34 6.18
C ILE A 1464 46.68 -4.49 7.32
N GLU A 1465 45.39 -4.16 7.28
CA GLU A 1465 44.80 -3.36 8.33
C GLU A 1465 44.89 -4.06 9.68
N MET A 1466 44.63 -5.36 9.71
CA MET A 1466 44.75 -6.12 10.95
C MET A 1466 46.17 -6.12 11.48
N SER A 1467 47.16 -5.86 10.63
CA SER A 1467 48.56 -5.83 11.04
C SER A 1467 48.86 -4.51 11.74
N ALA A 1468 50.13 -4.26 12.03
CA ALA A 1468 50.51 -3.04 12.74
C ALA A 1468 50.20 -1.80 11.92
N ALA A 1469 50.50 -1.83 10.63
CA ALA A 1469 50.28 -0.67 9.78
C ALA A 1469 48.79 -0.40 9.63
N LEU A 1470 48.41 0.88 9.73
CA LEU A 1470 47.02 1.31 9.60
C LEU A 1470 46.94 2.51 8.67
N PRO A 1471 47.29 2.33 7.40
CA PRO A 1471 47.13 3.41 6.41
C PRO A 1471 45.80 3.41 5.67
N ILE A 1472 44.83 2.61 6.08
CA ILE A 1472 43.57 2.45 5.36
C ILE A 1472 42.42 2.92 6.25
N ASN A 1473 41.35 3.36 5.60
CA ASN A 1473 40.16 3.85 6.30
C ASN A 1473 39.22 2.69 6.61
N PRO A 1474 38.71 2.59 7.85
CA PRO A 1474 37.67 1.58 8.12
C PRO A 1474 36.43 1.73 7.26
N THR A 1475 36.30 2.81 6.49
CA THR A 1475 35.20 2.91 5.54
C THR A 1475 35.41 1.98 4.35
N ILE A 1476 36.63 1.95 3.81
CA ILE A 1476 36.91 1.10 2.66
C ILE A 1476 36.73 -0.37 3.03
N ILE A 1477 37.17 -0.76 4.22
CA ILE A 1477 37.10 -2.17 4.61
C ILE A 1477 35.65 -2.62 4.72
N ARG A 1478 34.77 -1.73 5.18
CA ARG A 1478 33.35 -2.07 5.26
C ARG A 1478 32.77 -2.35 3.88
N ILE A 1479 33.09 -1.50 2.90
CA ILE A 1479 32.55 -1.68 1.56
C ILE A 1479 33.02 -3.00 0.96
N MET A 1480 34.30 -3.30 1.11
CA MET A 1480 34.81 -4.56 0.56
C MET A 1480 34.22 -5.76 1.29
N ARG A 1481 33.92 -5.59 2.58
CA ARG A 1481 33.22 -6.66 3.31
C ARG A 1481 31.80 -6.84 2.79
N VAL A 1482 31.11 -5.73 2.52
CA VAL A 1482 29.74 -5.82 2.01
C VAL A 1482 29.72 -6.37 0.60
N LEU A 1483 30.70 -6.01 -0.23
CA LEU A 1483 30.67 -6.37 -1.64
C LEU A 1483 30.92 -7.84 -1.89
N ARG A 1484 31.29 -8.61 -0.85
CA ARG A 1484 31.42 -10.05 -1.03
C ARG A 1484 30.07 -10.74 -1.18
N ILE A 1485 28.97 -10.00 -1.00
CA ILE A 1485 27.64 -10.53 -1.31
C ILE A 1485 27.46 -10.82 -2.78
N ALA A 1486 28.34 -10.33 -3.64
CA ALA A 1486 28.20 -10.53 -5.07
C ALA A 1486 28.44 -11.98 -5.49
N ARG A 1487 28.98 -12.81 -4.59
CA ARG A 1487 29.21 -14.21 -4.93
C ARG A 1487 27.91 -14.95 -5.19
N VAL A 1488 26.79 -14.44 -4.69
CA VAL A 1488 25.51 -15.11 -4.93
C VAL A 1488 25.15 -15.07 -6.40
N LEU A 1489 25.63 -14.07 -7.14
CA LEU A 1489 25.33 -14.00 -8.57
C LEU A 1489 25.84 -15.23 -9.32
N LYS A 1490 26.82 -15.94 -8.77
CA LYS A 1490 27.27 -17.18 -9.38
C LYS A 1490 26.19 -18.26 -9.31
N LEU A 1491 25.27 -18.17 -8.36
CA LEU A 1491 24.15 -19.10 -8.29
C LEU A 1491 23.12 -18.82 -9.37
N LEU A 1492 23.03 -17.57 -9.85
CA LEU A 1492 22.06 -17.24 -10.88
C LEU A 1492 22.33 -18.03 -12.16
N LYS A 1493 23.57 -18.44 -12.39
CA LYS A 1493 23.89 -19.23 -13.57
C LYS A 1493 23.11 -20.55 -13.57
N MET A 1494 23.08 -21.24 -12.43
CA MET A 1494 22.35 -22.49 -12.34
C MET A 1494 20.84 -22.30 -12.49
N ALA A 1495 20.32 -21.12 -12.14
CA ALA A 1495 18.89 -20.87 -12.18
C ALA A 1495 18.50 -20.51 -13.62
N THR A 1496 18.26 -21.54 -14.41
CA THR A 1496 17.81 -21.33 -15.78
C THR A 1496 16.36 -20.85 -15.81
N GLY A 1497 15.51 -21.40 -14.95
CA GLY A 1497 14.12 -20.98 -14.92
C GLY A 1497 13.97 -19.53 -14.48
N MET A 1498 14.71 -19.13 -13.44
CA MET A 1498 14.63 -17.75 -12.97
C MET A 1498 15.10 -16.77 -14.03
N ARG A 1499 16.19 -17.10 -14.73
CA ARG A 1499 16.70 -16.19 -15.75
C ARG A 1499 15.67 -15.96 -16.85
N ALA A 1500 14.91 -17.00 -17.21
CA ALA A 1500 13.85 -16.83 -18.18
C ALA A 1500 12.78 -15.87 -17.66
N LEU A 1501 12.44 -15.96 -16.38
CA LEU A 1501 11.45 -15.06 -15.79
C LEU A 1501 11.95 -13.61 -15.86
N LEU A 1502 13.22 -13.40 -15.51
CA LEU A 1502 13.78 -12.05 -15.60
C LEU A 1502 13.79 -11.56 -17.04
N ASP A 1503 14.12 -12.44 -17.99
CA ASP A 1503 14.21 -12.04 -19.39
C ASP A 1503 12.88 -11.46 -19.87
N THR A 1504 11.77 -11.95 -19.32
CA THR A 1504 10.46 -11.42 -19.70
C THR A 1504 10.36 -9.93 -19.39
N VAL A 1505 10.86 -9.52 -18.23
CA VAL A 1505 10.89 -8.09 -17.91
C VAL A 1505 11.84 -7.35 -18.84
N VAL A 1506 13.01 -7.94 -19.11
CA VAL A 1506 14.01 -7.24 -19.93
C VAL A 1506 13.47 -7.00 -21.35
N GLN A 1507 12.50 -7.81 -21.79
CA GLN A 1507 11.90 -7.61 -23.10
C GLN A 1507 10.82 -6.55 -23.12
N ALA A 1508 10.35 -6.11 -21.96
CA ALA A 1508 9.31 -5.09 -21.87
C ALA A 1508 9.87 -3.69 -21.63
N LEU A 1509 11.20 -3.54 -21.63
CA LEU A 1509 11.79 -2.23 -21.37
C LEU A 1509 11.33 -1.15 -22.33
N PRO A 1510 11.21 -1.39 -23.64
CA PRO A 1510 10.77 -0.29 -24.53
C PRO A 1510 9.44 0.30 -24.12
N GLN A 1511 8.51 -0.51 -23.63
CA GLN A 1511 7.23 -0.01 -23.13
C GLN A 1511 7.36 0.49 -21.70
N VAL A 1512 7.97 -0.32 -20.83
CA VAL A 1512 8.14 0.09 -19.43
C VAL A 1512 9.07 1.29 -19.34
N GLY A 1513 9.99 1.44 -20.27
CA GLY A 1513 10.90 2.58 -20.23
C GLY A 1513 10.19 3.90 -20.45
N ASN A 1514 9.25 3.93 -21.40
CA ASN A 1514 8.52 5.17 -21.68
C ASN A 1514 7.59 5.54 -20.54
N LEU A 1515 6.93 4.54 -19.95
CA LEU A 1515 6.07 4.82 -18.80
C LEU A 1515 6.88 5.32 -17.61
N GLY A 1516 8.11 4.84 -17.47
CA GLY A 1516 8.98 5.35 -16.42
C GLY A 1516 9.28 6.83 -16.59
N LEU A 1517 9.42 7.29 -17.84
CA LEU A 1517 9.63 8.71 -18.08
C LEU A 1517 8.38 9.52 -17.72
N LEU A 1518 7.20 8.99 -18.04
CA LEU A 1518 5.97 9.65 -17.63
C LEU A 1518 5.83 9.66 -16.13
N PHE A 1519 6.24 8.55 -15.48
CA PHE A 1519 6.23 8.51 -14.01
C PHE A 1519 7.17 9.53 -13.41
N MET A 1520 8.36 9.68 -13.99
CA MET A 1520 9.33 10.63 -13.44
C MET A 1520 8.95 12.06 -13.79
N LEU A 1521 8.25 12.27 -14.91
CA LEU A 1521 7.71 13.59 -15.21
C LEU A 1521 6.58 13.96 -14.25
N LEU A 1522 5.75 12.98 -13.90
CA LEU A 1522 4.66 13.22 -12.97
C LEU A 1522 5.18 13.67 -11.61
N PHE A 1523 6.27 13.03 -11.15
CA PHE A 1523 6.87 13.44 -9.88
C PHE A 1523 7.39 14.87 -9.96
N PHE A 1524 8.02 15.25 -11.08
CA PHE A 1524 8.61 16.57 -11.19
C PHE A 1524 7.56 17.66 -11.09
N ILE A 1525 6.42 17.48 -11.75
CA ILE A 1525 5.40 18.52 -11.72
C ILE A 1525 4.79 18.65 -10.33
N TYR A 1526 4.49 17.52 -9.67
CA TYR A 1526 3.90 17.60 -8.34
C TYR A 1526 4.94 17.93 -7.28
N ALA A 1527 6.20 17.55 -7.49
CA ALA A 1527 7.24 17.93 -6.54
C ALA A 1527 7.46 19.43 -6.53
N ALA A 1528 7.39 20.07 -7.70
CA ALA A 1528 7.54 21.52 -7.78
C ALA A 1528 6.29 22.23 -7.30
N LEU A 1529 5.13 21.60 -7.50
CA LEU A 1529 3.88 22.21 -7.04
C LEU A 1529 3.72 22.07 -5.54
N GLY A 1530 4.29 21.01 -4.96
CA GLY A 1530 4.24 20.86 -3.50
C GLY A 1530 5.09 21.90 -2.80
N VAL A 1531 6.25 22.22 -3.35
CA VAL A 1531 7.12 23.22 -2.72
C VAL A 1531 6.42 24.56 -2.66
N GLU A 1532 5.65 24.90 -3.70
CA GLU A 1532 4.94 26.17 -3.72
C GLU A 1532 3.83 26.21 -2.69
N LEU A 1533 3.04 25.14 -2.60
CA LEU A 1533 1.88 25.13 -1.71
C LEU A 1533 2.29 24.89 -0.26
N PHE A 1534 2.94 23.75 0.01
CA PHE A 1534 3.24 23.31 1.37
C PHE A 1534 4.69 23.56 1.76
N GLY A 1535 5.34 24.54 1.11
CA GLY A 1535 6.75 24.77 1.36
C GLY A 1535 7.05 25.46 2.67
N ARG A 1536 6.07 26.09 3.30
CA ARG A 1536 6.29 26.89 4.50
C ARG A 1536 5.57 26.34 5.73
N LEU A 1537 4.98 25.16 5.65
CA LEU A 1537 4.33 24.56 6.81
C LEU A 1537 5.38 24.26 7.87
N GLU A 1538 5.05 24.56 9.13
CA GLU A 1538 5.96 24.36 10.25
C GLU A 1538 5.39 23.35 11.23
N CYS A 1539 6.29 22.65 11.91
CA CYS A 1539 5.93 21.68 12.93
C CYS A 1539 6.60 22.06 14.25
N SER A 1540 5.81 22.11 15.31
CA SER A 1540 6.32 22.49 16.62
C SER A 1540 5.37 21.95 17.68
N GLU A 1541 5.86 21.92 18.93
CA GLU A 1541 5.02 21.48 20.03
C GLU A 1541 3.79 22.37 20.19
N ASP A 1542 3.87 23.63 19.75
CA ASP A 1542 2.70 24.50 19.78
C ASP A 1542 1.72 24.16 18.66
N ASN A 1543 2.24 23.69 17.52
CA ASN A 1543 1.42 23.34 16.36
C ASN A 1543 1.85 21.97 15.84
N PRO A 1544 1.52 20.91 16.56
CA PRO A 1544 2.01 19.58 16.18
C PRO A 1544 1.43 19.12 14.86
N CYS A 1545 2.18 18.25 14.19
CA CYS A 1545 1.81 17.71 12.89
C CYS A 1545 1.92 16.19 12.93
N GLU A 1546 1.08 15.53 12.15
CA GLU A 1546 0.96 14.07 12.22
C GLU A 1546 1.69 13.34 11.11
N GLY A 1547 1.84 13.94 9.94
CA GLY A 1547 2.51 13.29 8.84
C GLY A 1547 3.87 13.88 8.51
N LEU A 1548 4.01 15.19 8.67
CA LEU A 1548 5.27 15.85 8.38
C LEU A 1548 6.20 15.76 9.58
N SER A 1549 7.49 15.77 9.29
CA SER A 1549 8.51 15.64 10.33
C SER A 1549 9.82 16.21 9.79
N ARG A 1550 10.92 15.95 10.48
CA ARG A 1550 12.23 16.37 10.00
C ARG A 1550 12.64 15.63 8.74
N HIS A 1551 12.05 14.47 8.47
CA HIS A 1551 12.37 13.68 7.29
C HIS A 1551 11.40 13.88 6.15
N ALA A 1552 10.19 14.35 6.42
CA ALA A 1552 9.15 14.53 5.41
C ALA A 1552 8.78 16.00 5.38
N THR A 1553 9.23 16.71 4.33
CA THR A 1553 8.93 18.12 4.17
C THR A 1553 8.91 18.48 2.70
N PHE A 1554 8.25 19.59 2.39
CA PHE A 1554 8.25 20.16 1.04
C PHE A 1554 9.13 21.40 0.98
N SER A 1555 10.07 21.55 1.91
CA SER A 1555 10.87 22.76 2.01
C SER A 1555 11.70 23.04 0.77
N ASN A 1556 12.04 22.02 -0.01
CA ASN A 1556 12.79 22.22 -1.24
C ASN A 1556 12.49 21.07 -2.18
N PHE A 1557 12.88 21.23 -3.44
CA PHE A 1557 12.55 20.24 -4.45
C PHE A 1557 13.13 18.87 -4.10
N GLY A 1558 14.32 18.84 -3.53
CA GLY A 1558 14.92 17.56 -3.18
C GLY A 1558 14.13 16.83 -2.12
N MET A 1559 13.61 17.56 -1.13
CA MET A 1559 12.84 16.93 -0.06
C MET A 1559 11.42 16.60 -0.51
N ALA A 1560 10.83 17.43 -1.36
CA ALA A 1560 9.49 17.14 -1.86
C ALA A 1560 9.47 15.87 -2.69
N PHE A 1561 10.56 15.61 -3.42
CA PHE A 1561 10.64 14.39 -4.23
C PHE A 1561 10.58 13.15 -3.34
N LEU A 1562 11.26 13.17 -2.21
CA LEU A 1562 11.23 12.03 -1.29
C LEU A 1562 9.85 11.88 -0.65
N THR A 1563 9.21 13.00 -0.32
CA THR A 1563 7.89 12.93 0.29
C THR A 1563 6.87 12.31 -0.64
N LEU A 1564 6.93 12.64 -1.93
CA LEU A 1564 5.98 12.07 -2.88
C LEU A 1564 6.22 10.59 -3.11
N PHE A 1565 7.47 10.13 -2.99
CA PHE A 1565 7.74 8.71 -3.08
C PHE A 1565 7.06 7.96 -1.93
N ARG A 1566 7.05 8.56 -0.75
CA ARG A 1566 6.29 7.99 0.36
C ARG A 1566 4.79 8.02 0.08
N VAL A 1567 4.30 9.13 -0.48
CA VAL A 1567 2.88 9.21 -0.83
C VAL A 1567 2.53 8.20 -1.92
N SER A 1568 3.46 7.97 -2.84
CA SER A 1568 3.23 7.00 -3.92
C SER A 1568 2.98 5.61 -3.36
N THR A 1569 3.75 5.20 -2.35
CA THR A 1569 3.54 3.90 -1.72
C THR A 1569 2.37 3.90 -0.75
N GLY A 1570 1.81 5.07 -0.46
CA GLY A 1570 0.65 5.17 0.40
C GLY A 1570 0.92 5.02 1.87
N ASP A 1571 2.17 5.15 2.30
CA ASP A 1571 2.54 4.93 3.71
C ASP A 1571 2.24 6.20 4.50
N ASN A 1572 1.16 6.17 5.26
CA ASN A 1572 0.76 7.31 6.09
C ASN A 1572 0.69 8.59 5.25
N TRP A 1573 0.16 8.48 4.04
CA TRP A 1573 -0.07 9.66 3.22
C TRP A 1573 -1.24 10.48 3.76
N ASN A 1574 -2.18 9.82 4.45
CA ASN A 1574 -3.32 10.54 5.01
C ASN A 1574 -2.90 11.41 6.19
N GLY A 1575 -1.80 11.04 6.88
CA GLY A 1575 -1.27 11.91 7.90
C GLY A 1575 -0.70 13.20 7.34
N ILE A 1576 -0.03 13.12 6.20
CA ILE A 1576 0.53 14.32 5.57
C ILE A 1576 -0.60 15.26 5.14
N MET A 1577 -1.67 14.73 4.58
CA MET A 1577 -2.77 15.57 4.13
C MET A 1577 -3.38 16.34 5.30
N LYS A 1578 -3.52 15.69 6.46
CA LYS A 1578 -4.04 16.37 7.64
C LYS A 1578 -3.22 17.61 7.96
N ASP A 1579 -1.89 17.49 7.89
CA ASP A 1579 -1.02 18.59 8.24
C ASP A 1579 -1.23 19.80 7.34
N THR A 1580 -1.75 19.59 6.13
CA THR A 1580 -2.07 20.70 5.24
C THR A 1580 -3.47 21.25 5.48
N LEU A 1581 -4.35 20.49 6.14
CA LEU A 1581 -5.70 20.95 6.42
C LEU A 1581 -5.81 21.74 7.72
N ARG A 1582 -4.77 21.72 8.55
CA ARG A 1582 -4.84 22.39 9.85
C ARG A 1582 -4.64 23.89 9.70
N GLU A 1583 -5.41 24.64 10.46
CA GLU A 1583 -5.58 26.08 10.24
C GLU A 1583 -4.30 26.84 10.56
N CYS A 1584 -4.19 28.03 9.97
CA CYS A 1584 -3.04 28.90 10.18
C CYS A 1584 -3.08 29.50 11.57
N SER A 1585 -1.89 29.90 12.04
CA SER A 1585 -1.78 30.60 13.31
C SER A 1585 -2.21 32.06 13.15
N ARG A 1586 -2.82 32.59 14.21
CA ARG A 1586 -3.24 33.99 14.18
C ARG A 1586 -2.06 34.94 14.20
N GLU A 1587 -0.90 34.47 14.67
CA GLU A 1587 0.29 35.31 14.77
C GLU A 1587 1.21 35.16 13.56
N ASP A 1588 1.18 34.02 12.89
CA ASP A 1588 2.11 33.76 11.80
C ASP A 1588 1.66 34.45 10.52
N LYS A 1589 2.63 34.67 9.63
CA LYS A 1589 2.42 35.32 8.35
C LYS A 1589 2.38 34.27 7.24
N HIS A 1590 2.39 34.73 6.00
CA HIS A 1590 2.51 33.88 4.81
C HIS A 1590 1.53 32.71 4.85
N CYS A 1591 0.33 32.96 5.36
CA CYS A 1591 -0.72 31.96 5.36
C CYS A 1591 -1.48 31.99 4.04
N LEU A 1592 -2.03 30.82 3.68
CA LEU A 1592 -2.87 30.70 2.50
C LEU A 1592 -4.25 30.25 2.99
N SER A 1593 -5.25 31.11 2.82
CA SER A 1593 -6.54 30.87 3.44
C SER A 1593 -7.29 29.69 2.84
N TYR A 1594 -7.11 29.42 1.54
CA TYR A 1594 -7.86 28.36 0.88
C TYR A 1594 -6.98 27.14 0.57
N LEU A 1595 -5.90 26.94 1.31
CA LEU A 1595 -5.07 25.76 1.19
C LEU A 1595 -5.85 24.50 1.54
N PRO A 1596 -6.69 24.52 2.59
CA PRO A 1596 -7.46 23.32 2.91
C PRO A 1596 -8.35 22.84 1.77
N ALA A 1597 -8.82 23.73 0.91
CA ALA A 1597 -9.60 23.35 -0.25
C ALA A 1597 -8.75 22.77 -1.37
N LEU A 1598 -7.51 23.24 -1.52
CA LEU A 1598 -6.64 22.78 -2.60
C LEU A 1598 -5.91 21.50 -2.24
N SER A 1599 -5.72 21.22 -0.96
CA SER A 1599 -4.96 20.04 -0.56
C SER A 1599 -5.61 18.74 -1.01
N PRO A 1600 -6.90 18.51 -0.80
CA PRO A 1600 -7.50 17.24 -1.25
C PRO A 1600 -7.30 16.99 -2.74
N VAL A 1601 -7.41 18.04 -3.56
CA VAL A 1601 -7.20 17.87 -5.00
C VAL A 1601 -5.77 17.43 -5.29
N TYR A 1602 -4.80 18.02 -4.58
CA TYR A 1602 -3.40 17.72 -4.85
C TYR A 1602 -3.09 16.24 -4.62
N PHE A 1603 -3.48 15.72 -3.46
CA PHE A 1603 -3.15 14.34 -3.12
C PHE A 1603 -4.03 13.35 -3.89
N VAL A 1604 -5.31 13.66 -4.07
CA VAL A 1604 -6.22 12.72 -4.73
C VAL A 1604 -5.78 12.49 -6.17
N THR A 1605 -5.45 13.55 -6.89
CA THR A 1605 -5.06 13.40 -8.29
C THR A 1605 -3.73 12.67 -8.42
N PHE A 1606 -2.75 13.02 -7.57
CA PHE A 1606 -1.46 12.35 -7.64
C PHE A 1606 -1.58 10.87 -7.33
N VAL A 1607 -2.38 10.52 -6.32
CA VAL A 1607 -2.52 9.12 -5.94
C VAL A 1607 -3.17 8.32 -7.06
N LEU A 1608 -4.23 8.86 -7.67
CA LEU A 1608 -4.89 8.15 -8.76
C LEU A 1608 -3.99 8.06 -9.98
N VAL A 1609 -3.33 9.17 -10.34
CA VAL A 1609 -2.51 9.18 -11.55
C VAL A 1609 -1.26 8.34 -11.35
N ALA A 1610 -0.64 8.41 -10.17
CA ALA A 1610 0.57 7.65 -9.92
C ALA A 1610 0.31 6.15 -9.98
N GLN A 1611 -0.82 5.71 -9.44
CA GLN A 1611 -1.13 4.28 -9.44
C GLN A 1611 -1.53 3.81 -10.83
N PHE A 1612 -2.25 4.63 -11.60
CA PHE A 1612 -2.66 4.22 -12.93
C PHE A 1612 -1.46 3.98 -13.84
N VAL A 1613 -0.43 4.83 -13.72
CA VAL A 1613 0.77 4.63 -14.53
C VAL A 1613 1.45 3.31 -14.17
N LEU A 1614 1.52 3.00 -12.87
CA LEU A 1614 2.12 1.73 -12.47
C LEU A 1614 1.28 0.54 -12.91
N VAL A 1615 -0.04 0.70 -12.97
CA VAL A 1615 -0.89 -0.36 -13.49
C VAL A 1615 -0.52 -0.67 -14.93
N ASN A 1616 -0.29 0.35 -15.74
CA ASN A 1616 0.03 0.13 -17.14
C ASN A 1616 1.42 -0.46 -17.32
N VAL A 1617 2.28 -0.34 -16.31
CA VAL A 1617 3.56 -1.04 -16.33
C VAL A 1617 3.33 -2.53 -16.10
N VAL A 1618 2.43 -2.87 -15.17
CA VAL A 1618 2.12 -4.27 -14.91
C VAL A 1618 1.49 -4.91 -16.14
N VAL A 1619 0.57 -4.21 -16.80
CA VAL A 1619 -0.08 -4.75 -17.98
C VAL A 1619 0.95 -4.99 -19.08
N ALA A 1620 1.86 -4.04 -19.29
CA ALA A 1620 2.85 -4.18 -20.35
C ALA A 1620 3.66 -5.45 -20.18
N VAL A 1621 4.08 -5.75 -18.95
CA VAL A 1621 4.81 -6.99 -18.71
C VAL A 1621 3.88 -8.19 -18.85
N LEU A 1622 2.63 -8.07 -18.39
CA LEU A 1622 1.70 -9.19 -18.46
C LEU A 1622 1.45 -9.62 -19.89
N MET A 1623 1.20 -8.66 -20.79
CA MET A 1623 0.91 -9.02 -22.17
C MET A 1623 2.11 -9.69 -22.83
N LYS A 1624 3.31 -9.17 -22.56
CA LYS A 1624 4.51 -9.73 -23.16
C LYS A 1624 4.72 -11.17 -22.70
N HIS A 1625 4.44 -11.47 -21.43
CA HIS A 1625 4.60 -12.83 -20.93
C HIS A 1625 3.59 -13.77 -21.58
N LEU A 1626 2.40 -13.26 -21.89
CA LEU A 1626 1.40 -14.09 -22.58
C LEU A 1626 1.83 -14.38 -24.01
N GLU A 1627 2.25 -13.35 -24.75
CA GLU A 1627 2.65 -13.53 -26.13
C GLU A 1627 3.93 -14.37 -26.22
N GLU A 1628 4.83 -14.22 -25.26
CA GLU A 1628 6.12 -14.91 -25.33
C GLU A 1628 5.94 -16.41 -25.31
N SER A 1629 4.77 -16.88 -24.90
CA SER A 1629 4.50 -18.32 -24.86
C SER A 1629 3.49 -18.71 -25.94
C10 A1AHK B . -4.94 -4.71 -8.48
C13 A1AHK B . -3.73 -3.82 -8.80
C15 A1AHK B . -3.66 -2.41 -8.20
C17 A1AHK B . -2.47 -1.51 -8.51
C20 A1AHK B . -0.19 -1.08 -9.71
C21 A1AHK B . 0.88 -1.36 -8.66
C22 A1AHK B . 2.27 -0.47 -6.70
C24 A1AHK B . 2.87 -1.57 -6.15
C26 A1AHK B . 5.48 1.76 -5.37
C28 A1AHK B . 7.42 1.40 -7.07
C11 A1AHK B . -5.77 -5.62 -9.38
C12 A1AHK B . -6.37 -4.32 -8.88
C14 A1AHK B . -4.72 -5.51 -7.18
C16 A1AHK B . -2.62 -4.32 -9.73
C18 A1AHK B . -1.43 -3.43 -10.05
C19 A1AHK B . -1.36 -2.03 -9.43
C23 A1AHK B . 4.51 1.10 -4.39
C25 A1AHK B . 3.78 -1.14 -5.22
C27 A1AHK B . 6.44 0.84 -6.10
C29 A1AHK B . 7.43 2.87 -7.30
C30 A1AHK B . 6.46 3.78 -6.57
C31 A1AHK B . 8.42 3.44 -8.29
F01 A1AHK B . -4.01 -4.77 -6.28
F02 A1AHK B . -5.88 -5.89 -6.59
F03 A1AHK B . -4.01 -6.63 -7.47
N05 A1AHK B . 1.24 -0.32 -7.72
N06 A1AHK B . 3.73 0.19 -5.20
N07 A1AHK B . 2.79 0.60 -6.11
N08 A1AHK B . 5.50 3.21 -5.61
N09 A1AHK B . 9.16 3.88 -9.02
O04 A1AHK B . 1.39 -2.42 -8.65
C1 NAG C . 31.03 16.77 27.68
C2 NAG C . 31.11 16.55 29.18
C3 NAG C . 32.52 16.10 29.56
C4 NAG C . 32.88 14.85 28.77
C5 NAG C . 32.68 15.09 27.27
C6 NAG C . 32.88 13.79 26.48
C7 NAG C . 29.99 17.70 31.00
C8 NAG C . 29.68 19.03 31.63
N2 NAG C . 30.75 17.75 29.90
O3 NAG C . 32.59 15.83 30.96
O4 NAG C . 34.24 14.50 29.03
O5 NAG C . 31.36 15.57 26.99
O6 NAG C . 32.03 12.77 27.00
O7 NAG C . 29.58 16.65 31.45
C1 NAG D . -15.49 14.89 38.27
C2 NAG D . -16.17 13.94 39.25
C3 NAG D . -17.51 13.44 38.71
C4 NAG D . -18.35 14.62 38.26
C5 NAG D . -17.56 15.43 37.24
C6 NAG D . -18.37 16.58 36.66
C7 NAG D . -14.50 12.76 40.58
C8 NAG D . -13.67 11.51 40.66
N2 NAG D . -15.32 12.81 39.54
O3 NAG D . -18.20 12.71 39.73
O4 NAG D . -19.58 14.13 37.69
O5 NAG D . -16.37 15.93 37.84
O6 NAG D . -18.61 17.58 37.66
O7 NAG D . -14.42 13.66 41.40
CA CA E . -0.71 2.67 6.25
C1 LPE F . 17.46 14.48 -1.35
O1 LPE F . 17.98 13.73 -2.44
C2 LPE F . 18.45 15.56 -0.98
O2H LPE F . 18.59 16.46 -2.07
C3 LPE F . 18.05 16.33 0.26
C11 LPE F . 17.31 12.49 -2.66
C12 LPE F . 16.01 12.74 -3.40
O3 LPE F . 18.98 17.44 0.47
P LPE F . 19.03 18.17 1.90
O31 LPE F . 19.91 19.39 1.79
O32 LPE F . 17.63 18.30 2.42
O33 LPE F . 19.82 17.10 2.81
C31 LPE F . 19.07 16.20 3.66
C32 LPE F . 18.81 16.83 5.01
N LPE F . 20.03 17.12 5.88
C1N LPE F . 19.59 17.58 7.22
C2N LPE F . 20.86 15.90 6.03
C3N LPE F . 20.86 18.18 5.26
C13 LPE F . 16.09 12.51 -4.89
C14 LPE F . 16.33 11.06 -5.28
C15 LPE F . 15.07 10.25 -5.52
C16 LPE F . 14.01 10.39 -4.46
C17 LPE F . 12.89 9.38 -4.54
C18 LPE F . 12.32 9.14 -5.92
C19 LPE F . 13.05 8.10 -6.74
C20 LPE F . 12.19 7.42 -7.77
C21 LPE F . 12.92 6.41 -8.61
CAA Y01 G . 15.78 17.16 -12.21
CBA Y01 G . 16.35 18.57 -12.36
CAB Y01 G . 16.14 19.07 -13.78
CAN Y01 G . 17.83 18.62 -11.98
CAJ Y01 G . 18.21 17.90 -10.70
CAO Y01 G . 17.53 18.44 -9.46
CBB Y01 G . 18.27 19.56 -8.73
CAC Y01 G . 17.87 20.93 -9.27
CBE Y01 G . 18.08 19.43 -7.20
CAP Y01 G . 18.58 18.06 -6.67
CAQ Y01 G . 19.36 18.34 -5.38
CBG Y01 G . 18.82 19.69 -4.94
CBI Y01 G . 18.75 20.49 -6.25
CAE Y01 G . 20.15 20.86 -6.78
CAU Y01 G . 17.92 21.73 -5.94
CAS Y01 G . 18.54 22.56 -4.80
CBF Y01 G . 18.78 21.75 -3.51
CBD Y01 G . 19.50 20.42 -3.79
CAK Y01 G . 19.51 19.56 -2.54
CAI Y01 G . 19.82 20.34 -1.30
CAZ Y01 G . 19.88 21.66 -1.23
CAV Y01 G . 20.33 22.34 0.04
CBH Y01 G . 19.47 22.58 -2.38
CAD Y01 G . 20.74 23.29 -2.89
CAT Y01 G . 18.47 23.62 -1.83
CAR Y01 G . 18.12 23.41 -0.36
CBC Y01 G . 19.35 23.41 0.50
OAW Y01 G . 20.03 24.70 0.39
CAY Y01 G . 20.23 25.45 1.47
OAG Y01 G . 20.13 26.64 1.49
CAM Y01 G . 20.72 24.65 2.67
CAL Y01 G . 19.71 24.52 3.80
CAX Y01 G . 19.70 25.70 4.77
OAH Y01 G . 19.92 25.46 5.97
OAF Y01 G . 19.50 26.84 4.32
P22 JL3 H . 13.08 -14.14 21.90
C01 JL3 H . 13.00 -16.08 2.31
C02 JL3 H . 13.38 -16.11 3.78
C03 JL3 H . 12.17 -16.10 4.72
C04 JL3 H . 11.28 -14.88 4.52
C05 JL3 H . 10.20 -14.74 5.58
C06 JL3 H . 10.19 -13.39 6.28
C07 JL3 H . 9.74 -13.44 7.73
C08 JL3 H . 10.76 -14.12 8.66
C09 JL3 H . 10.35 -14.10 10.13
C10 JL3 H . 10.92 -15.28 10.92
C11 JL3 H . 12.00 -14.91 11.94
C12 JL3 H . 11.51 -14.95 13.38
C13 JL3 H . 12.61 -15.16 14.41
C14 JL3 H . 13.47 -13.93 14.60
C15 JL3 H . 14.84 -14.23 15.17
O16 JL3 H . 15.67 -14.90 14.61
O17 JL3 H . 15.07 -13.68 16.36
C18 JL3 H . 14.22 -14.02 17.44
C19 JL3 H . 14.97 -14.82 18.49
C20 JL3 H . 14.79 -14.26 19.89
O21 JL3 H . 13.52 -14.62 20.39
O23 JL3 H . 11.84 -13.32 21.71
O24 JL3 H . 13.18 -15.28 22.85
O25 JL3 H . 14.34 -13.13 22.29
C26 JL3 H . 14.74 -13.01 23.64
C27 JL3 H . 16.22 -13.33 23.70
N28 JL3 H . 16.56 -14.06 24.96
O29 JL3 H . 16.34 -14.83 18.08
C30 JL3 H . 17.03 -15.94 18.14
O31 JL3 H . 17.17 -16.59 19.14
C32 JL3 H . 17.63 -16.27 16.79
C33 JL3 H . 17.26 -17.66 16.27
C34 JL3 H . 16.94 -17.64 14.78
C35 JL3 H . 18.05 -17.05 13.91
C36 JL3 H . 17.56 -16.41 12.62
C37 JL3 H . 17.21 -17.42 11.53
C38 JL3 H . 15.76 -17.90 11.65
C39 JL3 H . 15.27 -18.65 10.42
C40 JL3 H . 14.00 -18.04 9.85
C41 JL3 H . 13.26 -18.94 8.87
C42 JL3 H . 11.84 -18.46 8.60
C43 JL3 H . 11.29 -18.89 7.25
C44 JL3 H . 9.87 -18.38 7.02
C45 JL3 H . 9.43 -18.45 5.55
CAA Y01 I . 21.02 -20.14 5.87
CBA Y01 I . 19.61 -19.73 6.26
CAB Y01 I . 18.61 -20.77 5.76
CAN Y01 I . 19.47 -19.50 7.76
CAJ Y01 I . 19.85 -20.66 8.66
CAO Y01 I . 21.33 -20.77 8.95
CBB Y01 I . 21.70 -20.85 10.44
CAC Y01 I . 22.91 -21.78 10.62
CBE Y01 I . 21.95 -19.45 11.04
CAP Y01 I . 21.06 -18.35 10.41
CAQ Y01 I . 21.03 -17.18 11.40
CBG Y01 I . 21.85 -17.67 12.59
CBI Y01 I . 21.74 -19.19 12.56
CAE Y01 I . 20.34 -19.69 12.98
CAU Y01 I . 22.81 -19.71 13.52
CAS Y01 I . 22.59 -19.17 14.94
CBF Y01 I . 22.51 -17.64 15.03
CBD Y01 I . 21.59 -17.03 13.95
CAK Y01 I . 21.80 -15.53 13.89
CAI Y01 I . 21.86 -14.91 15.25
CAZ Y01 I . 21.90 -15.59 16.38
CAV Y01 I . 21.76 -14.90 17.72
CBH Y01 I . 22.13 -17.11 16.44
CAD Y01 I . 20.83 -17.76 16.97
CAT Y01 I . 23.27 -17.38 17.44
CAR Y01 I . 23.09 -16.68 18.79
CBC Y01 I . 22.95 -15.19 18.60
OAW Y01 I . 22.73 -14.51 19.88
CAY Y01 I . 21.59 -14.74 20.54
OAG Y01 I . 21.26 -15.80 20.96
CAM Y01 I . 20.75 -13.49 20.61
CAL Y01 I . 19.44 -13.63 21.36
CAX Y01 I . 18.48 -12.46 21.18
OAH Y01 I . 17.35 -12.69 20.71
OAF Y01 I . 18.87 -11.33 21.51
P22 JL3 J . 4.81 -15.88 27.91
C01 JL3 J . 0.02 -21.78 9.83
C02 JL3 J . 0.60 -20.70 10.74
C03 JL3 J . 1.50 -21.25 11.84
C04 JL3 J . 1.84 -20.22 12.90
C05 JL3 J . 2.03 -20.81 14.29
C06 JL3 J . 3.42 -20.54 14.87
C07 JL3 J . 3.66 -19.07 15.22
C08 JL3 J . 3.16 -18.72 16.61
C09 JL3 J . 4.14 -19.12 17.72
C10 JL3 J . 3.51 -19.04 19.10
C11 JL3 J . 4.36 -19.66 20.20
C12 JL3 J . 5.24 -18.65 20.92
C13 JL3 J . 5.50 -19.00 22.39
C14 JL3 J . 4.23 -18.93 23.22
C15 JL3 J . 4.46 -18.64 24.67
O16 JL3 J . 3.80 -17.92 25.36
O17 JL3 J . 5.54 -19.29 25.11
C18 JL3 J . 5.95 -19.15 26.47
C19 JL3 J . 7.23 -18.33 26.44
C20 JL3 J . 7.05 -16.94 27.03
O21 JL3 J . 5.78 -16.45 26.70
O23 JL3 J . 3.47 -15.67 27.28
O24 JL3 J . 5.01 -16.67 29.15
O25 JL3 J . 5.51 -14.41 28.23
C26 JL3 J . 4.99 -13.59 29.25
C27 JL3 J . 5.55 -14.06 30.56
N28 JL3 J . 4.49 -14.62 31.44
O29 JL3 J . 7.62 -18.31 25.06
C30 JL3 J . 8.75 -18.87 24.67
O31 JL3 J . 9.81 -18.72 25.26
C32 JL3 J . 8.55 -19.70 23.44
C33 JL3 J . 9.73 -20.57 23.05
C34 JL3 J . 9.84 -20.74 21.54
C35 JL3 J . 8.65 -21.46 20.92
C36 JL3 J . 8.75 -21.58 19.39
C37 JL3 J . 10.03 -22.27 18.92
C38 JL3 J . 10.04 -22.53 17.42
C39 JL3 J . 11.45 -22.51 16.84
C40 JL3 J . 11.54 -23.09 15.42
C41 JL3 J . 10.51 -22.51 14.47
C42 JL3 J . 10.85 -22.77 13.00
P22 JL3 K . -1.12 -0.64 -3.50
C05 JL3 K . -5.93 9.00 -14.52
C06 JL3 K . -7.14 8.61 -13.67
C07 JL3 K . -7.25 7.12 -13.43
C08 JL3 K . -8.56 6.72 -12.76
C09 JL3 K . -8.75 5.22 -12.59
C10 JL3 K . -7.61 4.57 -11.81
C11 JL3 K . -7.83 3.09 -11.48
C12 JL3 K . -6.66 2.47 -10.73
C13 JL3 K . -6.44 3.07 -9.35
C14 JL3 K . -5.25 2.46 -8.64
C15 JL3 K . -5.57 1.25 -7.80
O16 JL3 K . -6.52 0.54 -7.94
O17 JL3 K . -4.65 1.07 -6.85
C18 JL3 K . -5.09 0.76 -5.53
C19 JL3 K . -4.23 1.55 -4.57
C20 JL3 K . -3.42 0.64 -3.65
O21 JL3 K . -2.19 0.35 -4.27
O23 JL3 K . -1.78 -1.01 -2.22
O24 JL3 K . -0.56 -1.63 -4.46
O25 JL3 K . 0.13 0.40 -3.18
C26 JL3 K . -0.05 1.79 -3.30
C27 JL3 K . -0.84 2.29 -2.10
N28 JL3 K . -1.75 3.39 -2.46
O29 JL3 K . -5.14 2.38 -3.84
C30 JL3 K . -5.26 3.67 -4.10
O31 JL3 K . -4.44 4.50 -3.78
C32 JL3 K . -6.54 3.97 -4.83
C33 JL3 K . -7.73 4.24 -3.93
C34 JL3 K . -8.91 4.79 -4.70
C35 JL3 K . -9.66 3.72 -5.50
C36 JL3 K . -11.03 4.20 -5.96
C37 JL3 K . -11.00 5.13 -7.15
C38 JL3 K . -12.31 5.89 -7.35
C39 JL3 K . -12.33 6.77 -8.59
C40 JL3 K . -13.58 7.61 -8.70
P22 JL3 L . -28.99 2.54 15.43
C05 JL3 L . -27.83 1.87 1.00
C06 JL3 L . -29.25 2.31 0.67
C07 JL3 L . -30.08 2.69 1.89
C08 JL3 L . -30.19 1.58 2.93
C09 JL3 L . -29.27 1.73 4.14
C10 JL3 L . -29.93 1.25 5.43
C11 JL3 L . -29.18 1.65 6.70
C12 JL3 L . -30.06 1.60 7.94
C13 JL3 L . -30.15 2.93 8.67
C14 JL3 L . -30.91 2.79 9.98
C15 JL3 L . -30.32 3.54 11.15
O16 JL3 L . -30.53 4.70 11.42
O17 JL3 L . -29.50 2.77 11.86
C18 JL3 L . -28.36 2.21 11.21
C19 JL3 L . -27.59 1.40 12.24
C20 JL3 L . -27.26 2.21 13.47
O21 JL3 L . -27.89 1.65 14.59
O23 JL3 L . -29.61 1.58 16.41
O24 JL3 L . -29.78 3.39 14.49
O25 JL3 L . -28.03 3.60 16.25
C26 JL3 L . -28.61 4.62 17.03
C27 JL3 L . -28.96 5.77 16.11
N28 JL3 L . -28.62 7.08 16.72
O29 JL3 L . -26.42 0.95 11.55
C30 JL3 L . -26.49 0.12 10.53
O31 JL3 L . -26.64 -1.07 10.65
C32 JL3 L . -26.34 0.83 9.21
C33 JL3 L . -25.19 0.36 8.36
C34 JL3 L . -25.36 0.80 6.91
C35 JL3 L . -25.95 -0.27 6.00
C36 JL3 L . -25.04 -0.60 4.82
C37 JL3 L . -25.58 -1.68 3.90
C38 JL3 L . -26.06 -1.14 2.55
C39 JL3 L . -26.31 -2.22 1.52
CAA Y01 M . -22.73 15.23 -8.32
CBA Y01 M . -22.18 15.76 -7.00
CAB Y01 M . -23.06 16.90 -6.50
CAN Y01 M . -20.72 16.19 -7.14
CAJ Y01 M . -20.02 16.55 -5.85
CAO Y01 M . -20.16 18.01 -5.47
CBB Y01 M . -19.84 18.35 -4.01
CAC Y01 M . -18.35 18.60 -3.84
CBE Y01 M . -20.72 19.50 -3.50
CAP Y01 M . -22.24 19.20 -3.66
CAQ Y01 M . -22.96 19.84 -2.46
CBG Y01 M . -21.90 20.76 -1.86
CBI Y01 M . -20.59 19.97 -2.02
CAE Y01 M . -20.53 18.74 -1.10
CAU Y01 M . -19.46 20.95 -1.71
CAS Y01 M . -19.59 21.51 -0.28
CBF Y01 M . -20.95 22.18 -0.01
CBD Y01 M . -22.15 21.32 -0.46
CAK Y01 M . -23.42 22.16 -0.43
CAI Y01 M . -23.52 22.98 0.82
CAZ Y01 M . -22.55 23.10 1.72
CAV Y01 M . -22.81 23.74 3.06
CBH Y01 M . -21.12 22.63 1.48
CAD Y01 M . -20.84 21.47 2.46
CAT Y01 M . -20.19 23.82 1.78
CAR Y01 M . -20.40 24.41 3.17
CBC Y01 M . -21.83 24.85 3.39
OAW Y01 M . -22.03 25.18 4.79
CAY Y01 M . -21.23 26.08 5.35
OAG Y01 M . -20.69 26.96 4.76
CAM Y01 M . -21.03 25.79 6.82
CAL Y01 M . -21.62 26.80 7.79
CAX Y01 M . -21.48 26.41 9.25
OAH Y01 M . -21.99 25.34 9.62
OAF Y01 M . -20.85 27.17 10.00
CAA Y01 N . -12.77 10.40 -5.95
CBA Y01 N . -13.69 10.97 -4.89
CAB Y01 N . -15.04 11.31 -5.49
CAN Y01 N . -13.06 12.20 -4.22
CAJ Y01 N . -12.81 13.39 -5.11
CAO Y01 N . -12.10 14.52 -4.42
CBB Y01 N . -12.77 15.04 -3.14
CAC Y01 N . -12.10 14.42 -1.92
CBE Y01 N . -12.78 16.58 -3.12
CAP Y01 N . -13.54 17.18 -4.33
CAQ Y01 N . -14.12 18.53 -3.88
CBG Y01 N . -13.50 18.76 -2.51
CBI Y01 N . -13.40 17.34 -1.91
CAE Y01 N . -14.78 16.76 -1.58
CAU Y01 N . -12.53 17.46 -0.65
CAS Y01 N . -13.11 18.49 0.34
CBF Y01 N . -13.31 19.88 -0.28
CBD Y01 N . -14.12 19.80 -1.59
CAK Y01 N . -14.16 21.17 -2.28
CAI Y01 N . -14.26 22.32 -1.34
CAZ Y01 N . -14.01 22.24 -0.03
CAV Y01 N . -13.69 23.48 0.78
CBH Y01 N . -13.94 20.91 0.70
CAD Y01 N . -15.36 20.50 1.12
CAT Y01 N . -13.03 21.11 1.93
CAR Y01 N . -13.49 22.20 2.91
CBC Y01 N . -14.15 23.36 2.21
OAW Y01 N . -15.60 23.19 2.18
CAY Y01 N . -16.31 23.65 3.22
OAG Y01 N . -16.63 24.79 3.36
CAM Y01 N . -16.64 22.55 4.20
CAL Y01 N . -16.17 22.82 5.62
CAX Y01 N . -17.02 23.82 6.38
OAH Y01 N . -16.50 24.90 6.72
OAF Y01 N . -18.20 23.50 6.66
#